data_4JIO
#
_entry.id   4JIO
#
_cell.length_a   63.430
_cell.length_b   92.320
_cell.length_c   229.450
_cell.angle_alpha   90.00
_cell.angle_beta   90.00
_cell.angle_gamma   90.00
#
_symmetry.space_group_name_H-M   'P 21 21 21'
#
loop_
_entity.id
_entity.type
_entity.pdbx_description
1 polymer BRO1
2 polymer Ubiquitin
#
loop_
_entity_poly.entity_id
_entity_poly.type
_entity_poly.pdbx_seq_one_letter_code
_entity_poly.pdbx_strand_id
1 'polypeptide(L)'
;IDPFTEIYEKESIYSEEKAQLLRKE(MSE)ESVETADLEYTSFVEFTNLPKLINDLAAAYTTGGNNNDADPQLE(MSE)
(MSE)RDQIKSWAYAVQQNEFNDIERIINVISSKRKEILDILATLPAEEKENILKLKASLVEASQSDEKLFRLIKPYVAE
IKLLCNDSSLWRKFDEFQSAGAFQPSLLDIDDSKTELILSKLKAITQFAEDLRLLKEERART(MSE)GELKDYVNNNDDI
TSLLLANKDKSDAELQSLFESELAKFEPLTTRIEATIFKQGSTINGVKIELDNIFGLTGIQDKTPEEQKAELERKLFFDK
LEEATTKFTIFSSDIQKGLNFYNSLLK(MSE)SKDLQNSVEQNPS
;
A,B
2 'polypeptide(L)' MQIFVKTLTGKTITLEVEPSDTIENVKMKIQDKEGIPPDQQRLIFAGKQLEDGRTLSDYNIQKESTLHLVLRLRGG U
#
# COMPACT_ATOMS: atom_id res chain seq x y z
N PRO A 3 -13.48 43.40 46.03
CA PRO A 3 -12.28 44.01 46.59
C PRO A 3 -11.13 43.01 46.70
N PHE A 4 -10.31 42.93 45.65
CA PHE A 4 -10.47 43.76 44.47
C PHE A 4 -10.90 42.92 43.27
N THR A 5 -10.86 43.54 42.08
CA THR A 5 -11.28 42.88 40.85
C THR A 5 -10.09 42.37 40.03
N GLU A 6 -8.87 42.68 40.50
CA GLU A 6 -7.66 42.27 39.81
C GLU A 6 -7.46 40.76 39.83
N ILE A 7 -7.86 40.14 40.92
CA ILE A 7 -7.75 38.68 41.05
C ILE A 7 -8.55 37.96 39.97
N TYR A 8 -9.78 38.41 39.74
CA TYR A 8 -10.64 37.83 38.72
C TYR A 8 -10.09 38.11 37.33
N GLU A 9 -9.31 39.19 37.20
CA GLU A 9 -8.68 39.54 35.94
C GLU A 9 -7.54 38.57 35.63
N LYS A 10 -6.67 38.35 36.61
CA LYS A 10 -5.58 37.39 36.47
C LYS A 10 -6.13 36.00 36.20
N GLU A 11 -7.15 35.61 36.96
CA GLU A 11 -7.82 34.33 36.77
C GLU A 11 -8.39 34.22 35.36
N SER A 12 -8.95 35.32 34.85
CA SER A 12 -9.47 35.36 33.50
C SER A 12 -8.37 35.15 32.48
N ILE A 13 -7.21 35.73 32.74
CA ILE A 13 -6.05 35.59 31.87
C ILE A 13 -5.58 34.13 31.80
N TYR A 14 -5.42 33.53 32.98
CA TYR A 14 -5.01 32.12 33.06
C TYR A 14 -6.02 31.23 32.35
N SER A 15 -7.31 31.52 32.55
CA SER A 15 -8.38 30.78 31.90
C SER A 15 -8.29 30.93 30.38
N GLU A 16 -7.88 32.12 29.93
CA GLU A 16 -7.71 32.38 28.51
C GLU A 16 -6.58 31.53 27.94
N GLU A 17 -5.45 31.50 28.64
CA GLU A 17 -4.32 30.67 28.23
C GLU A 17 -4.70 29.19 28.15
N LYS A 18 -5.35 28.71 29.20
CA LYS A 18 -5.83 27.33 29.23
C LYS A 18 -6.77 27.04 28.07
N ALA A 19 -7.64 28.00 27.76
CA ALA A 19 -8.56 27.88 26.64
C ALA A 19 -7.80 27.78 25.33
N GLN A 20 -6.70 28.51 25.22
CA GLN A 20 -5.86 28.48 24.03
C GLN A 20 -5.21 27.11 23.85
N LEU A 21 -4.62 26.59 24.94
CA LEU A 21 -3.99 25.28 24.90
C LEU A 21 -4.99 24.18 24.53
N LEU A 22 -6.14 24.22 25.18
CA LEU A 22 -7.21 23.26 24.92
C LEU A 22 -7.70 23.39 23.48
N ARG A 23 -7.69 24.61 22.95
CA ARG A 23 -8.06 24.85 21.57
C ARG A 23 -7.07 24.18 20.62
N LYS A 24 -5.78 24.34 20.89
CA LYS A 24 -4.73 23.71 20.09
C LYS A 24 -4.86 22.19 20.09
N GLU A 25 -4.90 21.61 21.29
CA GLU A 25 -5.07 20.16 21.43
C GLU A 25 -6.32 19.66 20.73
N MSE A 26 -7.40 20.44 20.83
CA MSE A 26 -8.65 20.06 20.19
C MSE A 26 -8.54 20.11 18.68
O MSE A 26 -9.14 19.29 17.99
CB MSE A 26 -9.82 20.92 20.68
CG MSE A 26 -11.20 20.41 20.26
SE MSE A 26 -12.67 21.23 21.25
CE MSE A 26 -12.28 20.57 23.05
N GLU A 27 -7.76 21.05 18.16
CA GLU A 27 -7.52 21.13 16.72
C GLU A 27 -6.77 19.89 16.27
N SER A 28 -5.73 19.53 17.02
CA SER A 28 -4.95 18.33 16.72
C SER A 28 -5.82 17.07 16.69
N VAL A 29 -6.52 16.79 17.77
CA VAL A 29 -7.39 15.61 17.81
C VAL A 29 -8.48 15.63 16.75
N GLU A 30 -9.00 16.82 16.46
CA GLU A 30 -10.00 16.95 15.41
C GLU A 30 -9.42 16.54 14.06
N THR A 31 -8.20 16.99 13.77
CA THR A 31 -7.51 16.62 12.54
C THR A 31 -7.27 15.12 12.46
N ALA A 32 -6.83 14.55 13.58
CA ALA A 32 -6.60 13.10 13.65
C ALA A 32 -7.88 12.31 13.38
N ASP A 33 -8.93 12.64 14.11
CA ASP A 33 -10.22 11.98 13.95
C ASP A 33 -10.76 12.12 12.53
N LEU A 34 -10.59 13.30 11.96
CA LEU A 34 -11.01 13.55 10.58
C LEU A 34 -10.24 12.66 9.60
N GLU A 35 -8.95 12.51 9.85
CA GLU A 35 -8.10 11.66 9.01
C GLU A 35 -8.53 10.20 9.08
N TYR A 36 -8.68 9.69 10.30
CA TYR A 36 -9.08 8.30 10.49
C TYR A 36 -10.48 8.03 9.94
N THR A 37 -11.35 9.04 10.04
CA THR A 37 -12.71 8.90 9.53
C THR A 37 -12.70 8.90 8.01
N SER A 38 -11.81 9.69 7.41
CA SER A 38 -11.67 9.72 5.96
C SER A 38 -11.14 8.38 5.46
N PHE A 39 -10.17 7.83 6.18
CA PHE A 39 -9.61 6.52 5.85
C PHE A 39 -10.67 5.42 5.94
N VAL A 40 -11.37 5.38 7.07
CA VAL A 40 -12.41 4.37 7.30
C VAL A 40 -13.57 4.51 6.33
N GLU A 41 -13.78 5.73 5.83
CA GLU A 41 -14.84 5.99 4.86
C GLU A 41 -14.43 5.52 3.47
N PHE A 42 -13.21 5.84 3.08
CA PHE A 42 -12.69 5.48 1.76
C PHE A 42 -12.49 3.97 1.62
N THR A 43 -11.88 3.35 2.62
CA THR A 43 -11.54 1.94 2.56
C THR A 43 -12.76 1.03 2.67
N ASN A 44 -13.76 1.45 3.43
CA ASN A 44 -14.96 0.65 3.70
C ASN A 44 -14.59 -0.71 4.29
N LEU A 45 -13.62 -0.71 5.20
CA LEU A 45 -13.05 -1.93 5.78
C LEU A 45 -14.08 -2.94 6.31
N PRO A 46 -15.20 -2.44 6.84
CA PRO A 46 -16.22 -3.33 7.41
C PRO A 46 -16.90 -4.19 6.34
N LYS A 47 -17.33 -3.55 5.26
CA LYS A 47 -18.02 -4.26 4.18
C LYS A 47 -17.05 -5.16 3.41
N LEU A 48 -15.81 -4.71 3.31
CA LEU A 48 -14.77 -5.48 2.64
C LEU A 48 -14.45 -6.75 3.44
N ILE A 49 -14.29 -6.60 4.74
CA ILE A 49 -14.02 -7.73 5.62
C ILE A 49 -15.21 -8.69 5.63
N ASN A 50 -16.42 -8.14 5.71
CA ASN A 50 -17.62 -8.96 5.72
C ASN A 50 -17.79 -9.75 4.43
N ASP A 51 -17.52 -9.09 3.30
CA ASP A 51 -17.65 -9.72 1.99
C ASP A 51 -16.58 -10.79 1.80
N LEU A 52 -15.35 -10.48 2.15
CA LEU A 52 -14.25 -11.43 2.00
C LEU A 52 -14.47 -12.64 2.89
N ALA A 53 -14.97 -12.40 4.11
CA ALA A 53 -15.27 -13.48 5.04
C ALA A 53 -16.44 -14.33 4.54
N ALA A 54 -17.37 -13.69 3.85
CA ALA A 54 -18.54 -14.38 3.31
C ALA A 54 -18.16 -15.29 2.13
N ALA A 55 -17.25 -14.80 1.29
CA ALA A 55 -16.85 -15.55 0.10
C ALA A 55 -15.77 -16.59 0.40
N TYR A 56 -15.25 -16.57 1.62
CA TYR A 56 -14.19 -17.50 2.02
C TYR A 56 -14.78 -18.78 2.60
N THR A 57 -15.46 -18.65 3.73
CA THR A 57 -16.03 -19.80 4.43
C THR A 57 -17.27 -20.33 3.73
N PRO A 67 -14.11 -4.09 -4.59
CA PRO A 67 -12.85 -4.07 -5.35
C PRO A 67 -12.10 -2.76 -5.18
N GLN A 68 -10.82 -2.76 -5.51
CA GLN A 68 -9.98 -1.58 -5.40
C GLN A 68 -10.42 -0.48 -6.36
N LEU A 69 -10.89 -0.88 -7.54
CA LEU A 69 -11.37 0.06 -8.55
C LEU A 69 -12.59 0.82 -8.06
N GLU A 70 -13.47 0.14 -7.34
CA GLU A 70 -14.63 0.78 -6.76
C GLU A 70 -14.19 1.83 -5.75
N MSE A 71 -13.14 1.50 -4.98
CA MSE A 71 -12.57 2.41 -4.01
C MSE A 71 -12.01 3.64 -4.69
O MSE A 71 -12.33 4.76 -4.31
CB MSE A 71 -11.45 1.72 -3.23
CG MSE A 71 -11.90 0.97 -2.00
SE MSE A 71 -10.41 0.01 -1.20
CE MSE A 71 -9.12 1.47 -1.11
N MSE A 72 -11.13 3.43 -5.68
CA MSE A 72 -10.50 4.54 -6.41
C MSE A 72 -11.54 5.42 -7.07
O MSE A 72 -11.36 6.65 -7.16
CB MSE A 72 -9.52 3.99 -7.47
CG MSE A 72 -8.25 3.35 -6.90
SE MSE A 72 -7.00 2.86 -8.29
CE MSE A 72 -6.64 4.62 -9.06
N ARG A 73 -12.63 4.81 -7.52
CA ARG A 73 -13.71 5.56 -8.14
C ARG A 73 -14.40 6.42 -7.09
N ASP A 74 -14.65 5.84 -5.92
CA ASP A 74 -15.31 6.55 -4.84
C ASP A 74 -14.48 7.74 -4.35
N GLN A 75 -13.19 7.51 -4.12
CA GLN A 75 -12.28 8.54 -3.64
C GLN A 75 -12.08 9.64 -4.66
N ILE A 76 -11.90 9.27 -5.92
CA ILE A 76 -11.75 10.26 -6.97
C ILE A 76 -13.02 11.08 -7.13
N LYS A 77 -14.17 10.43 -7.03
CA LYS A 77 -15.45 11.11 -7.13
C LYS A 77 -15.64 12.11 -5.98
N SER A 78 -15.30 11.67 -4.77
CA SER A 78 -15.41 12.52 -3.59
C SER A 78 -14.49 13.74 -3.67
N TRP A 79 -13.24 13.50 -4.04
CA TRP A 79 -12.25 14.57 -4.16
C TRP A 79 -12.66 15.58 -5.25
N ALA A 80 -13.07 15.05 -6.40
CA ALA A 80 -13.48 15.90 -7.52
C ALA A 80 -14.72 16.71 -7.17
N TYR A 81 -15.65 16.09 -6.47
CA TYR A 81 -16.88 16.76 -6.05
C TYR A 81 -16.59 17.88 -5.05
N ALA A 82 -15.74 17.58 -4.07
CA ALA A 82 -15.37 18.57 -3.06
C ALA A 82 -14.63 19.75 -3.69
N VAL A 83 -13.71 19.44 -4.60
CA VAL A 83 -12.97 20.48 -5.32
C VAL A 83 -13.89 21.31 -6.20
N GLN A 84 -14.89 20.66 -6.78
CA GLN A 84 -15.86 21.32 -7.66
C GLN A 84 -16.80 22.25 -6.89
N GLN A 85 -17.20 21.84 -5.69
CA GLN A 85 -18.14 22.61 -4.90
C GLN A 85 -17.53 23.94 -4.47
N ASN A 86 -16.34 23.88 -3.88
CA ASN A 86 -15.64 25.09 -3.46
C ASN A 86 -15.20 25.91 -4.66
N GLU A 87 -16.12 26.68 -5.23
CA GLU A 87 -15.84 27.45 -6.43
C GLU A 87 -14.90 28.63 -6.15
N PHE A 88 -13.63 28.31 -5.95
CA PHE A 88 -12.63 29.34 -5.71
C PHE A 88 -11.32 29.06 -6.47
N ASN A 89 -10.90 27.81 -6.47
CA ASN A 89 -9.64 27.43 -7.09
C ASN A 89 -9.74 27.25 -8.60
N ASP A 90 -10.83 26.64 -9.04
CA ASP A 90 -11.01 26.31 -10.46
C ASP A 90 -11.15 27.53 -11.35
N ILE A 91 -11.96 28.50 -10.91
CA ILE A 91 -12.28 29.68 -11.70
C ILE A 91 -11.07 30.56 -12.04
N GLU A 92 -10.10 30.62 -11.12
CA GLU A 92 -8.89 31.43 -11.29
C GLU A 92 -9.22 32.92 -11.41
N ARG A 93 -10.46 33.26 -11.05
CA ARG A 93 -10.95 34.65 -11.04
C ARG A 93 -10.36 35.44 -9.89
N ILE A 94 -9.76 34.73 -8.94
CA ILE A 94 -9.17 35.34 -7.75
C ILE A 94 -8.06 36.33 -8.07
N ILE A 95 -7.31 36.09 -9.14
CA ILE A 95 -6.27 37.03 -9.55
C ILE A 95 -6.90 38.35 -10.01
N ASN A 96 -7.96 38.24 -10.80
CA ASN A 96 -8.71 39.41 -11.25
C ASN A 96 -9.34 40.15 -10.07
N VAL A 97 -9.78 39.38 -9.09
CA VAL A 97 -10.36 39.94 -7.86
C VAL A 97 -9.28 40.73 -7.11
N ILE A 98 -8.09 40.16 -7.06
CA ILE A 98 -6.94 40.83 -6.44
C ILE A 98 -6.63 42.13 -7.17
N SER A 99 -6.74 42.10 -8.49
CA SER A 99 -6.54 43.30 -9.29
C SER A 99 -7.59 44.36 -8.97
N SER A 100 -8.82 43.90 -8.74
CA SER A 100 -9.93 44.79 -8.39
C SER A 100 -9.67 45.44 -7.03
N LYS A 101 -9.22 44.63 -6.07
CA LYS A 101 -8.88 45.12 -4.74
C LYS A 101 -7.75 46.13 -4.84
N ARG A 102 -6.78 45.85 -5.72
CA ARG A 102 -5.68 46.77 -5.97
C ARG A 102 -6.19 48.09 -6.52
N LYS A 103 -7.24 48.01 -7.35
CA LYS A 103 -7.87 49.21 -7.90
C LYS A 103 -8.57 50.00 -6.80
N GLU A 104 -9.18 49.29 -5.87
CA GLU A 104 -9.84 49.91 -4.73
C GLU A 104 -8.82 50.65 -3.86
N ILE A 105 -7.71 49.98 -3.57
CA ILE A 105 -6.62 50.58 -2.80
C ILE A 105 -6.04 51.78 -3.54
N LEU A 106 -6.04 51.70 -4.87
CA LEU A 106 -5.55 52.80 -5.71
C LEU A 106 -6.48 54.00 -5.59
N ASP A 107 -7.78 53.73 -5.55
CA ASP A 107 -8.77 54.80 -5.39
C ASP A 107 -8.67 55.43 -4.00
N ILE A 108 -8.44 54.59 -3.00
CA ILE A 108 -8.28 55.06 -1.63
C ILE A 108 -7.03 55.92 -1.47
N LEU A 109 -5.95 55.52 -2.12
CA LEU A 109 -4.69 56.27 -2.07
C LEU A 109 -4.85 57.66 -2.71
N ALA A 110 -5.76 57.76 -3.67
CA ALA A 110 -6.00 59.04 -4.33
C ALA A 110 -6.84 59.97 -3.44
N LEU A 112 -5.34 62.74 -0.61
CA LEU A 112 -5.01 64.04 -0.04
C LEU A 112 -4.23 63.89 1.27
N PRO A 113 -3.85 62.64 1.60
CA PRO A 113 -3.11 62.32 2.82
C PRO A 113 -1.71 62.91 2.80
N ALA A 114 -1.19 63.27 3.97
CA ALA A 114 0.09 63.96 4.07
C ALA A 114 1.03 63.34 5.10
N GLU A 115 0.84 62.05 5.37
CA GLU A 115 1.66 61.37 6.38
C GLU A 115 2.42 60.18 5.80
N GLU A 116 3.32 59.62 6.61
CA GLU A 116 4.13 58.49 6.20
C GLU A 116 3.47 57.13 6.48
N LYS A 117 2.24 57.15 6.97
CA LYS A 117 1.53 55.91 7.26
C LYS A 117 0.90 55.39 5.97
N GLU A 118 1.03 56.17 4.90
CA GLU A 118 0.56 55.78 3.58
C GLU A 118 1.64 54.96 2.90
N ASN A 119 2.88 55.40 3.09
CA ASN A 119 4.05 54.70 2.56
C ASN A 119 4.25 53.35 3.23
N ILE A 120 3.98 53.31 4.55
CA ILE A 120 4.03 52.06 5.29
C ILE A 120 2.98 51.09 4.77
N LEU A 121 1.78 51.62 4.51
CA LEU A 121 0.69 50.84 3.93
C LEU A 121 1.11 50.33 2.56
N LYS A 122 1.85 51.15 1.83
CA LYS A 122 2.37 50.77 0.52
C LYS A 122 3.35 49.61 0.66
N LEU A 123 4.22 49.69 1.67
CA LEU A 123 5.16 48.61 1.96
C LEU A 123 4.43 47.31 2.29
N LYS A 124 3.37 47.42 3.09
CA LYS A 124 2.54 46.26 3.43
C LYS A 124 1.92 45.67 2.17
N ALA A 125 1.51 46.56 1.27
CA ALA A 125 0.94 46.16 -0.01
C ALA A 125 1.98 45.40 -0.83
N SER A 126 3.22 45.88 -0.77
CA SER A 126 4.33 45.23 -1.46
C SER A 126 4.55 43.82 -0.92
N LEU A 127 4.52 43.69 0.42
CA LEU A 127 4.64 42.39 1.05
C LEU A 127 3.52 41.45 0.60
N VAL A 128 2.31 42.00 0.49
CA VAL A 128 1.15 41.23 0.02
C VAL A 128 1.37 40.79 -1.42
N GLU A 129 2.00 41.67 -2.20
CA GLU A 129 2.31 41.38 -3.60
C GLU A 129 3.29 40.22 -3.69
N ALA A 130 4.31 40.26 -2.84
CA ALA A 130 5.29 39.17 -2.75
C ALA A 130 4.58 37.87 -2.39
N SER A 131 3.62 37.96 -1.46
CA SER A 131 2.83 36.80 -1.08
C SER A 131 2.04 36.26 -2.27
N GLN A 132 1.57 37.16 -3.12
CA GLN A 132 0.86 36.78 -4.34
C GLN A 132 1.80 36.06 -5.31
N SER A 133 3.03 36.58 -5.41
CA SER A 133 4.05 35.99 -6.26
C SER A 133 4.34 34.55 -5.80
N ASP A 134 4.46 34.38 -4.49
CA ASP A 134 4.65 33.05 -3.91
C ASP A 134 3.43 32.17 -4.20
N GLU A 135 2.25 32.79 -4.23
CA GLU A 135 1.00 32.10 -4.52
C GLU A 135 0.97 31.60 -5.96
N LYS A 136 1.68 32.30 -6.84
CA LYS A 136 1.73 31.95 -8.26
C LYS A 136 2.50 30.65 -8.52
N LEU A 137 3.54 30.41 -7.71
CA LEU A 137 4.38 29.22 -7.86
C LEU A 137 3.60 27.91 -7.76
N PHE A 138 2.56 27.90 -6.93
CA PHE A 138 1.74 26.72 -6.71
C PHE A 138 0.65 26.53 -7.78
N ARG A 139 0.54 27.49 -8.69
CA ARG A 139 -0.47 27.45 -9.74
C ARG A 139 -0.19 26.37 -10.80
N LEU A 140 1.07 26.00 -10.97
CA LEU A 140 1.47 25.02 -11.97
C LEU A 140 0.77 23.67 -11.80
N ILE A 141 1.00 23.03 -10.66
CA ILE A 141 0.38 21.73 -10.37
C ILE A 141 -1.13 21.85 -10.21
N LYS A 142 -1.57 22.99 -9.70
CA LYS A 142 -2.99 23.21 -9.41
C LYS A 142 -3.85 23.26 -10.66
N PRO A 143 -3.51 24.14 -11.61
CA PRO A 143 -4.30 24.40 -12.82
C PRO A 143 -4.54 23.17 -13.68
N TYR A 144 -3.51 22.37 -13.92
CA TYR A 144 -3.65 21.17 -14.73
C TYR A 144 -4.56 20.15 -14.06
N VAL A 145 -4.35 19.93 -12.77
CA VAL A 145 -5.15 18.98 -11.99
C VAL A 145 -6.61 19.42 -11.85
N ALA A 146 -6.80 20.64 -11.34
CA ALA A 146 -8.14 21.17 -11.08
C ALA A 146 -9.02 21.29 -12.33
N GLU A 147 -8.44 21.68 -13.46
CA GLU A 147 -9.22 21.83 -14.68
C GLU A 147 -9.70 20.48 -15.19
N ILE A 148 -8.83 19.48 -15.12
CA ILE A 148 -9.18 18.14 -15.55
C ILE A 148 -10.15 17.47 -14.58
N LYS A 149 -10.15 17.98 -13.34
CA LYS A 149 -11.04 17.49 -12.31
C LYS A 149 -12.42 18.15 -12.37
N LEU A 150 -12.42 19.42 -12.76
CA LEU A 150 -13.66 20.19 -12.87
C LEU A 150 -14.64 19.59 -13.88
N LEU A 151 -14.10 18.97 -14.92
CA LEU A 151 -14.93 18.34 -15.94
C LEU A 151 -15.23 16.88 -15.60
N CYS A 152 -16.51 16.57 -15.41
CA CYS A 152 -16.93 15.22 -15.08
C CYS A 152 -16.70 14.28 -16.26
N ASN A 153 -16.99 14.78 -17.46
CA ASN A 153 -16.86 14.00 -18.68
C ASN A 153 -15.43 13.51 -18.91
N ASP A 154 -14.48 14.44 -18.85
CA ASP A 154 -13.07 14.12 -19.09
C ASP A 154 -12.53 13.15 -18.04
N SER A 155 -12.84 13.41 -16.78
CA SER A 155 -12.38 12.56 -15.69
C SER A 155 -12.95 11.14 -15.80
N SER A 156 -14.25 11.06 -16.09
CA SER A 156 -14.90 9.77 -16.25
C SER A 156 -14.35 9.01 -17.44
N LEU A 157 -14.06 9.73 -18.52
CA LEU A 157 -13.52 9.13 -19.74
C LEU A 157 -12.12 8.59 -19.51
N TRP A 158 -11.29 9.39 -18.83
CA TRP A 158 -9.92 8.99 -18.53
C TRP A 158 -9.89 7.80 -17.57
N ARG A 159 -10.75 7.83 -16.56
CA ARG A 159 -10.84 6.74 -15.60
C ARG A 159 -11.32 5.45 -16.26
N LYS A 160 -12.32 5.58 -17.14
CA LYS A 160 -12.87 4.43 -17.85
C LYS A 160 -11.87 3.84 -18.87
N PHE A 161 -11.06 4.70 -19.48
CA PHE A 161 -10.09 4.27 -20.47
C PHE A 161 -9.06 3.29 -19.90
N ASP A 162 -8.49 3.63 -18.76
CA ASP A 162 -7.51 2.77 -18.11
C ASP A 162 -8.14 1.46 -17.61
N ASP A 179 -8.00 -21.07 -5.37
CA ASP A 179 -6.87 -21.98 -5.33
C ASP A 179 -6.55 -22.40 -3.89
N SER A 180 -5.27 -22.66 -3.62
CA SER A 180 -4.83 -23.06 -2.30
C SER A 180 -4.32 -21.88 -1.48
N LYS A 181 -4.55 -20.67 -2.00
CA LYS A 181 -4.10 -19.45 -1.34
C LYS A 181 -5.14 -18.91 -0.38
N THR A 182 -6.20 -19.69 -0.18
CA THR A 182 -7.31 -19.30 0.70
C THR A 182 -6.89 -19.07 2.15
N GLU A 183 -6.02 -19.93 2.66
CA GLU A 183 -5.56 -19.82 4.05
C GLU A 183 -4.82 -18.51 4.31
N LEU A 184 -4.01 -18.10 3.34
CA LEU A 184 -3.28 -16.84 3.42
C LEU A 184 -4.24 -15.67 3.48
N ILE A 185 -5.27 -15.71 2.62
CA ILE A 185 -6.32 -14.71 2.61
C ILE A 185 -7.04 -14.65 3.96
N LEU A 186 -7.28 -15.82 4.55
CA LEU A 186 -7.92 -15.91 5.85
C LEU A 186 -7.08 -15.25 6.94
N SER A 187 -5.79 -15.57 6.95
CA SER A 187 -4.87 -14.99 7.93
C SER A 187 -4.78 -13.47 7.78
N LYS A 188 -4.68 -13.02 6.54
CA LYS A 188 -4.65 -11.59 6.23
C LYS A 188 -5.94 -10.92 6.70
N LEU A 189 -7.06 -11.61 6.53
CA LEU A 189 -8.36 -11.11 6.97
C LEU A 189 -8.38 -10.94 8.49
N LYS A 190 -7.88 -11.96 9.20
CA LYS A 190 -7.81 -11.89 10.66
C LYS A 190 -6.95 -10.72 11.13
N ALA A 191 -5.79 -10.57 10.49
CA ALA A 191 -4.87 -9.47 10.81
C ALA A 191 -5.53 -8.12 10.54
N ILE A 192 -6.30 -8.04 9.46
CA ILE A 192 -7.02 -6.83 9.11
C ILE A 192 -8.09 -6.51 10.15
N THR A 193 -8.76 -7.55 10.64
CA THR A 193 -9.76 -7.38 11.68
C THR A 193 -9.13 -6.84 12.96
N GLN A 194 -8.06 -7.48 13.41
CA GLN A 194 -7.35 -7.04 14.61
C GLN A 194 -6.84 -5.60 14.47
N PHE A 195 -6.32 -5.28 13.28
CA PHE A 195 -5.83 -3.93 13.00
C PHE A 195 -6.95 -2.90 13.07
N ALA A 196 -8.10 -3.23 12.48
CA ALA A 196 -9.26 -2.36 12.48
C ALA A 196 -9.75 -2.09 13.90
N GLU A 197 -9.91 -3.17 14.67
CA GLU A 197 -10.34 -3.07 16.05
C GLU A 197 -9.36 -2.22 16.86
N ASP A 198 -8.07 -2.41 16.58
CA ASP A 198 -7.03 -1.64 17.26
C ASP A 198 -7.13 -0.15 16.91
N LEU A 199 -7.49 0.14 15.67
CA LEU A 199 -7.63 1.52 15.21
C LEU A 199 -8.83 2.20 15.88
N ARG A 200 -9.96 1.51 15.90
CA ARG A 200 -11.17 2.03 16.54
C ARG A 200 -10.92 2.25 18.04
N LEU A 201 -10.21 1.30 18.64
CA LEU A 201 -9.85 1.40 20.06
C LEU A 201 -8.93 2.58 20.30
N LEU A 202 -8.06 2.86 19.33
CA LEU A 202 -7.15 4.00 19.41
C LEU A 202 -7.94 5.30 19.38
N LYS A 203 -8.89 5.39 18.45
CA LYS A 203 -9.75 6.57 18.33
C LYS A 203 -10.53 6.80 19.62
N GLU A 204 -11.15 5.73 20.14
CA GLU A 204 -11.87 5.80 21.40
C GLU A 204 -10.98 6.27 22.53
N GLU A 205 -9.75 5.76 22.56
CA GLU A 205 -8.79 6.11 23.60
C GLU A 205 -8.41 7.59 23.54
N ARG A 206 -8.26 8.11 22.33
CA ARG A 206 -7.95 9.53 22.14
C ARG A 206 -9.13 10.40 22.59
N ALA A 207 -10.33 10.04 22.14
CA ALA A 207 -11.54 10.76 22.52
C ALA A 207 -11.70 10.83 24.04
N ARG A 208 -11.51 9.69 24.70
CA ARG A 208 -11.58 9.64 26.17
C ARG A 208 -10.47 10.47 26.81
N THR A 209 -9.28 10.41 26.22
CA THR A 209 -8.13 11.15 26.72
C THR A 209 -8.44 12.65 26.78
N MSE A 210 -8.94 13.16 25.66
CA MSE A 210 -9.38 14.55 25.56
C MSE A 210 -10.52 14.83 26.54
O MSE A 210 -10.43 15.78 27.30
CB MSE A 210 -9.84 14.88 24.14
CG MSE A 210 -10.43 16.26 23.97
SE MSE A 210 -9.10 17.67 23.76
CE MSE A 210 -8.11 16.97 22.26
N GLY A 211 -11.55 13.99 26.51
CA GLY A 211 -12.70 14.12 27.40
C GLY A 211 -12.29 14.35 28.83
N GLU A 212 -11.23 13.65 29.26
CA GLU A 212 -10.70 13.84 30.60
C GLU A 212 -9.88 15.13 30.72
N LEU A 213 -9.19 15.51 29.63
CA LEU A 213 -8.40 16.75 29.68
C LEU A 213 -9.28 18.00 29.80
N LYS A 214 -10.34 18.04 28.99
CA LYS A 214 -11.32 19.11 29.01
C LYS A 214 -12.16 19.05 30.28
N ASP A 215 -12.46 17.84 30.75
CA ASP A 215 -13.20 17.72 32.00
C ASP A 215 -12.32 18.11 33.19
N TYR A 216 -11.01 18.18 32.97
CA TYR A 216 -10.11 18.62 34.03
C TYR A 216 -10.06 20.14 34.12
N VAL A 217 -10.42 20.83 33.05
CA VAL A 217 -10.44 22.29 33.06
C VAL A 217 -11.76 22.83 33.60
N ASN A 218 -12.85 22.15 33.29
CA ASN A 218 -14.16 22.54 33.80
C ASN A 218 -14.50 21.87 35.13
N ASN A 219 -13.49 21.49 35.88
CA ASN A 219 -13.69 20.92 37.20
C ASN A 219 -12.62 21.34 38.20
N ASN A 220 -11.80 20.38 38.61
CA ASN A 220 -10.78 20.60 39.62
C ASN A 220 -9.51 21.22 39.05
N ASP A 221 -9.67 22.33 38.32
CA ASP A 221 -8.53 23.04 37.76
C ASP A 221 -8.10 24.15 38.71
N ASP A 222 -8.41 23.97 39.99
CA ASP A 222 -8.11 24.95 41.04
C ASP A 222 -8.71 26.31 40.73
N ILE A 223 -8.14 27.36 41.34
CA ILE A 223 -8.63 28.72 41.13
C ILE A 223 -7.56 29.74 41.52
N THR A 224 -7.98 30.77 42.24
CA THR A 224 -7.06 31.81 42.70
C THR A 224 -6.49 31.48 44.07
N SER A 225 -6.91 30.34 44.61
CA SER A 225 -6.43 29.89 45.92
C SER A 225 -4.95 29.52 45.86
N LEU A 226 -4.49 29.14 44.66
CA LEU A 226 -3.10 28.80 44.46
C LEU A 226 -2.29 30.06 44.12
N LEU A 227 -3.00 31.15 43.84
CA LEU A 227 -2.36 32.42 43.53
C LEU A 227 -2.01 33.18 44.79
N LEU A 228 -0.95 32.73 45.47
CA LEU A 228 -0.53 33.34 46.72
C LEU A 228 0.78 34.10 46.56
N ALA A 229 1.39 33.98 45.37
CA ALA A 229 2.64 34.66 45.08
C ALA A 229 2.42 36.17 44.96
N ASN A 230 2.20 36.82 46.11
CA ASN A 230 1.92 38.25 46.18
C ASN A 230 0.73 38.66 45.30
N LYS A 231 0.65 39.94 45.00
CA LYS A 231 -0.41 40.46 44.13
C LYS A 231 0.16 40.77 42.76
N ASP A 232 0.93 39.82 42.23
CA ASP A 232 1.63 39.99 40.96
C ASP A 232 2.48 41.26 40.98
N LYS A 233 2.48 42.00 39.87
CA LYS A 233 3.21 43.27 39.82
C LYS A 233 2.48 44.40 39.05
N SER A 234 2.12 44.23 37.77
CA SER A 234 2.24 42.99 37.02
C SER A 234 3.15 43.18 35.82
N ASP A 235 3.05 42.28 34.84
CA ASP A 235 3.81 42.35 33.59
C ASP A 235 5.27 41.94 33.79
N ALA A 236 5.57 41.42 34.98
CA ALA A 236 6.93 41.00 35.31
C ALA A 236 6.93 39.50 35.60
N GLU A 237 5.89 38.83 35.11
CA GLU A 237 5.76 37.37 35.20
C GLU A 237 5.73 36.84 36.64
N LEU A 238 4.56 36.56 37.23
CA LEU A 238 3.18 36.72 36.73
C LEU A 238 2.72 35.81 35.57
N GLN A 239 3.65 35.31 34.76
CA GLN A 239 3.30 34.41 33.67
C GLN A 239 4.04 33.09 33.83
N SER A 240 5.10 33.10 34.62
CA SER A 240 5.89 31.90 34.88
C SER A 240 5.06 30.91 35.67
N LEU A 241 4.15 31.43 36.48
CA LEU A 241 3.24 30.61 37.27
C LEU A 241 2.20 29.98 36.36
N PHE A 242 1.84 30.70 35.30
CA PHE A 242 0.87 30.20 34.34
C PHE A 242 1.49 29.11 33.49
N GLU A 243 2.74 29.33 33.07
CA GLU A 243 3.48 28.33 32.32
C GLU A 243 3.71 27.07 33.16
N SER A 244 4.04 27.27 34.44
CA SER A 244 4.27 26.16 35.35
C SER A 244 2.98 25.36 35.60
N GLU A 245 1.88 26.08 35.79
CA GLU A 245 0.58 25.45 36.03
C GLU A 245 0.11 24.71 34.78
N LEU A 246 0.48 25.24 33.62
CA LEU A 246 0.12 24.65 32.34
C LEU A 246 0.97 23.42 32.03
N ALA A 247 2.16 23.39 32.61
CA ALA A 247 3.10 22.30 32.35
C ALA A 247 2.67 20.98 32.97
N LYS A 248 1.61 21.01 33.79
CA LYS A 248 1.14 19.79 34.43
C LYS A 248 0.00 19.18 33.62
N PHE A 249 -0.28 19.82 32.49
CA PHE A 249 -1.30 19.36 31.55
C PHE A 249 -0.65 18.45 30.52
N GLU A 250 0.68 18.47 30.52
CA GLU A 250 1.51 17.73 29.58
C GLU A 250 1.25 16.23 29.52
N PRO A 251 0.93 15.61 30.67
CA PRO A 251 0.76 14.15 30.57
C PRO A 251 -0.50 13.72 29.82
N LEU A 252 -1.45 14.63 29.62
CA LEU A 252 -2.66 14.30 28.85
C LEU A 252 -2.43 14.55 27.36
N THR A 253 -1.78 15.66 27.05
CA THR A 253 -1.41 16.01 25.68
C THR A 253 -0.46 14.99 25.09
N THR A 254 0.50 14.56 25.90
CA THR A 254 1.46 13.54 25.47
C THR A 254 0.76 12.23 25.16
N ARG A 255 -0.25 11.89 25.96
CA ARG A 255 -1.05 10.70 25.71
C ARG A 255 -1.85 10.84 24.43
N ILE A 256 -2.32 12.06 24.15
CA ILE A 256 -3.08 12.33 22.93
C ILE A 256 -2.21 12.16 21.69
N GLU A 257 -1.02 12.77 21.74
CA GLU A 257 -0.05 12.67 20.65
C GLU A 257 0.39 11.23 20.46
N ALA A 258 0.57 10.52 21.57
CA ALA A 258 0.97 9.12 21.55
C ALA A 258 -0.08 8.26 20.83
N THR A 259 -1.34 8.41 21.23
CA THR A 259 -2.43 7.68 20.60
C THR A 259 -2.57 8.06 19.12
N ILE A 260 -2.26 9.32 18.80
CA ILE A 260 -2.34 9.78 17.42
C ILE A 260 -1.27 9.14 16.54
N PHE A 261 -0.05 9.10 17.05
CA PHE A 261 1.07 8.50 16.31
C PHE A 261 0.88 6.99 16.20
N LYS A 262 0.39 6.37 17.28
CA LYS A 262 0.14 4.94 17.28
C LYS A 262 -0.94 4.61 16.26
N GLN A 263 -1.96 5.46 16.17
CA GLN A 263 -3.02 5.25 15.19
C GLN A 263 -2.48 5.55 13.79
N GLY A 264 -1.37 6.30 13.75
CA GLY A 264 -0.72 6.63 12.49
C GLY A 264 -0.03 5.42 11.89
N SER A 265 0.86 4.82 12.69
CA SER A 265 1.54 3.61 12.24
C SER A 265 0.56 2.45 12.09
N THR A 266 -0.48 2.45 12.92
CA THR A 266 -1.55 1.47 12.79
C THR A 266 -2.19 1.60 11.42
N ILE A 267 -2.50 2.83 11.04
CA ILE A 267 -3.07 3.12 9.73
C ILE A 267 -2.15 2.68 8.60
N ASN A 268 -0.85 2.94 8.74
CA ASN A 268 0.11 2.54 7.73
C ASN A 268 0.21 1.03 7.55
N GLY A 269 0.42 0.32 8.65
CA GLY A 269 0.50 -1.13 8.63
C GLY A 269 -0.76 -1.79 8.13
N VAL A 270 -1.91 -1.28 8.57
CA VAL A 270 -3.20 -1.79 8.13
C VAL A 270 -3.37 -1.56 6.63
N LYS A 271 -2.93 -0.40 6.15
CA LYS A 271 -2.99 -0.10 4.72
C LYS A 271 -2.13 -1.08 3.92
N ILE A 272 -0.93 -1.37 4.43
CA ILE A 272 -0.03 -2.31 3.77
C ILE A 272 -0.62 -3.72 3.71
N GLU A 273 -1.03 -4.23 4.87
CA GLU A 273 -1.59 -5.57 4.96
C GLU A 273 -2.86 -5.73 4.12
N LEU A 274 -3.72 -4.70 4.15
CA LEU A 274 -4.94 -4.71 3.37
C LEU A 274 -4.66 -4.61 1.89
N ASP A 275 -3.57 -3.93 1.54
CA ASP A 275 -3.14 -3.86 0.13
C ASP A 275 -2.67 -5.22 -0.35
N ASN A 276 -1.90 -5.90 0.48
CA ASN A 276 -1.43 -7.25 0.16
C ASN A 276 -2.58 -8.24 0.03
N ILE A 277 -3.51 -8.18 0.98
CA ILE A 277 -4.69 -9.03 0.96
C ILE A 277 -5.56 -8.75 -0.27
N PHE A 278 -5.71 -7.47 -0.60
CA PHE A 278 -6.49 -7.08 -1.76
C PHE A 278 -5.81 -7.47 -3.07
N GLY A 279 -4.49 -7.62 -3.04
CA GLY A 279 -3.78 -8.02 -4.22
C GLY A 279 -3.72 -9.53 -4.37
N LEU A 280 -3.89 -10.24 -3.25
CA LEU A 280 -3.92 -11.70 -3.26
C LEU A 280 -5.32 -12.21 -3.56
N THR A 281 -6.32 -11.41 -3.20
CA THR A 281 -7.73 -11.78 -3.37
C THR A 281 -8.18 -11.82 -4.82
N GLY A 282 -7.79 -10.82 -5.60
CA GLY A 282 -8.27 -10.67 -6.96
C GLY A 282 -7.72 -11.66 -7.96
N ILE A 283 -7.36 -11.17 -9.14
CA ILE A 283 -6.80 -11.99 -10.21
C ILE A 283 -5.58 -12.79 -9.76
N GLN A 284 -4.43 -12.12 -9.72
CA GLN A 284 -3.16 -12.75 -9.35
C GLN A 284 -2.87 -13.97 -10.21
N ASP A 285 -2.43 -13.74 -11.45
CA ASP A 285 -2.09 -14.83 -12.36
C ASP A 285 -0.75 -14.65 -13.11
N LYS A 286 -0.50 -13.51 -13.77
CA LYS A 286 -1.42 -12.39 -13.95
C LYS A 286 -1.68 -12.15 -15.42
N THR A 287 -0.74 -11.47 -16.08
CA THR A 287 -0.77 -11.21 -17.51
C THR A 287 -1.93 -10.32 -17.97
N PRO A 288 -1.77 -9.63 -19.11
CA PRO A 288 -0.55 -9.48 -19.91
C PRO A 288 0.35 -8.41 -19.33
N GLU A 289 1.41 -8.03 -20.05
CA GLU A 289 2.28 -6.97 -19.58
C GLU A 289 1.55 -5.64 -19.71
N GLU A 290 0.72 -5.56 -20.74
CA GLU A 290 -0.08 -4.35 -20.98
C GLU A 290 -1.12 -4.17 -19.89
N GLN A 291 -1.47 -5.25 -19.21
CA GLN A 291 -2.41 -5.20 -18.11
C GLN A 291 -1.77 -4.54 -16.90
N LYS A 292 -0.58 -5.00 -16.53
CA LYS A 292 0.16 -4.42 -15.42
C LYS A 292 0.56 -2.98 -15.73
N ALA A 293 0.85 -2.72 -17.00
CA ALA A 293 1.19 -1.37 -17.44
C ALA A 293 -0.02 -0.44 -17.32
N GLU A 294 -1.18 -0.93 -17.73
CA GLU A 294 -2.42 -0.16 -17.64
C GLU A 294 -2.78 0.12 -16.18
N LEU A 295 -2.65 -0.90 -15.34
CA LEU A 295 -2.89 -0.74 -13.91
C LEU A 295 -1.93 0.29 -13.32
N GLU A 296 -0.68 0.24 -13.76
CA GLU A 296 0.32 1.21 -13.33
C GLU A 296 -0.09 2.62 -13.73
N ARG A 297 -0.60 2.77 -14.94
CA ARG A 297 -1.11 4.05 -15.43
C ARG A 297 -2.28 4.54 -14.57
N LYS A 298 -3.16 3.61 -14.20
CA LYS A 298 -4.29 3.93 -13.34
C LYS A 298 -3.80 4.45 -11.99
N LEU A 299 -2.83 3.77 -11.42
CA LEU A 299 -2.25 4.18 -10.13
C LEU A 299 -1.50 5.50 -10.27
N PHE A 300 -1.07 5.80 -11.50
CA PHE A 300 -0.38 7.04 -11.80
C PHE A 300 -1.36 8.20 -11.83
N PHE A 301 -2.54 7.95 -12.39
CA PHE A 301 -3.60 8.96 -12.45
C PHE A 301 -4.11 9.31 -11.06
N ASP A 302 -3.88 8.42 -10.10
CA ASP A 302 -4.29 8.62 -8.72
C ASP A 302 -3.33 9.54 -7.97
N LYS A 303 -2.27 9.96 -8.66
CA LYS A 303 -1.30 10.89 -8.09
C LYS A 303 -1.79 12.32 -8.29
N LEU A 304 -2.81 12.46 -9.14
CA LEU A 304 -3.44 13.76 -9.38
C LEU A 304 -4.22 14.18 -8.14
N GLU A 305 -4.82 13.20 -7.47
CA GLU A 305 -5.59 13.44 -6.25
C GLU A 305 -4.73 14.16 -5.19
N GLU A 306 -3.46 13.76 -5.10
CA GLU A 306 -2.52 14.41 -4.18
C GLU A 306 -2.43 15.91 -4.51
N ALA A 307 -2.25 16.22 -5.78
CA ALA A 307 -2.18 17.60 -6.24
C ALA A 307 -3.49 18.34 -5.95
N THR A 308 -4.60 17.61 -6.01
CA THR A 308 -5.90 18.17 -5.68
C THR A 308 -5.92 18.58 -4.22
N THR A 309 -5.43 17.69 -3.35
CA THR A 309 -5.33 17.98 -1.92
C THR A 309 -4.44 19.20 -1.69
N LYS A 310 -3.35 19.28 -2.44
CA LYS A 310 -2.41 20.40 -2.32
C LYS A 310 -3.09 21.72 -2.70
N PHE A 311 -3.87 21.69 -3.78
CA PHE A 311 -4.60 22.86 -4.24
C PHE A 311 -5.68 23.24 -3.22
N THR A 312 -6.23 22.24 -2.55
CA THR A 312 -7.19 22.46 -1.49
C THR A 312 -6.50 23.19 -0.33
N ILE A 313 -5.28 22.79 -0.04
CA ILE A 313 -4.47 23.44 1.00
C ILE A 313 -4.12 24.86 0.57
N PHE A 314 -4.03 25.08 -0.74
CA PHE A 314 -3.70 26.39 -1.28
C PHE A 314 -4.93 27.29 -1.31
N SER A 315 -6.10 26.67 -1.25
CA SER A 315 -7.37 27.41 -1.21
C SER A 315 -7.51 28.17 0.10
N SER A 316 -7.06 27.55 1.18
CA SER A 316 -7.16 28.15 2.51
C SER A 316 -6.14 29.26 2.70
N ASP A 317 -5.24 29.41 1.73
CA ASP A 317 -4.22 30.46 1.78
C ASP A 317 -4.72 31.69 1.05
N ILE A 318 -5.29 31.47 -0.13
CA ILE A 318 -5.84 32.55 -0.94
C ILE A 318 -6.99 33.22 -0.20
N GLN A 319 -7.73 32.44 0.57
CA GLN A 319 -8.83 32.95 1.38
C GLN A 319 -8.30 33.90 2.44
N LYS A 320 -7.25 33.47 3.14
CA LYS A 320 -6.61 34.29 4.17
C LYS A 320 -6.03 35.58 3.58
N GLY A 321 -5.43 35.46 2.40
CA GLY A 321 -4.85 36.61 1.72
C GLY A 321 -5.91 37.59 1.26
N LEU A 322 -7.07 37.05 0.88
CA LEU A 322 -8.19 37.88 0.48
C LEU A 322 -8.78 38.57 1.71
N ASN A 323 -8.72 37.88 2.83
CA ASN A 323 -9.16 38.45 4.11
C ASN A 323 -8.27 39.61 4.53
N PHE A 324 -6.96 39.42 4.38
CA PHE A 324 -6.00 40.47 4.70
C PHE A 324 -6.15 41.65 3.75
N TYR A 325 -6.37 41.36 2.47
CA TYR A 325 -6.58 42.40 1.46
C TYR A 325 -7.84 43.23 1.77
N ASN A 326 -8.94 42.53 2.06
CA ASN A 326 -10.19 43.19 2.43
C ASN A 326 -10.02 44.02 3.71
N SER A 327 -9.25 43.49 4.64
CA SER A 327 -8.96 44.17 5.89
C SER A 327 -8.22 45.47 5.61
N LEU A 328 -7.23 45.39 4.72
CA LEU A 328 -6.46 46.57 4.33
C LEU A 328 -7.35 47.60 3.63
N LEU A 329 -8.27 47.13 2.80
CA LEU A 329 -9.21 48.01 2.10
C LEU A 329 -10.12 48.75 3.08
N LYS A 330 -10.64 48.01 4.05
CA LYS A 330 -11.50 48.58 5.09
C LYS A 330 -10.69 49.56 5.95
N MSE A 331 -9.42 49.24 6.13
CA MSE A 331 -8.49 50.09 6.87
C MSE A 331 -8.27 51.40 6.14
O MSE A 331 -8.12 52.46 6.74
CB MSE A 331 -7.16 49.37 7.08
CG MSE A 331 -6.07 50.24 7.68
SE MSE A 331 -6.54 50.92 9.44
CE MSE A 331 -4.92 51.94 9.78
N SER A 332 -8.25 51.32 4.81
CA SER A 332 -8.10 52.51 3.98
C SER A 332 -9.37 53.35 4.00
N LYS A 333 -10.51 52.66 4.03
CA LYS A 333 -11.81 53.34 4.11
C LYS A 333 -11.94 54.09 5.43
N ASP A 334 -11.50 53.46 6.51
CA ASP A 334 -11.53 54.08 7.83
C ASP A 334 -10.53 55.24 7.91
N LEU A 335 -9.33 55.01 7.38
CA LEU A 335 -8.28 56.02 7.37
C LEU A 335 -8.67 57.23 6.52
N GLN A 336 -9.55 57.02 5.54
CA GLN A 336 -10.02 58.12 4.70
C GLN A 336 -10.89 59.08 5.49
N ASN A 337 -11.84 58.54 6.25
CA ASN A 337 -12.74 59.35 7.05
C ASN A 337 -13.44 58.54 8.14
N SER A 338 -12.79 58.45 9.31
CA SER A 338 -13.35 57.72 10.44
C SER A 338 -14.24 58.62 11.29
N PHE B 4 -0.93 -73.03 -14.08
CA PHE B 4 -1.24 -72.07 -13.03
C PHE B 4 -0.42 -70.79 -13.18
N THR B 5 -0.15 -70.41 -14.43
CA THR B 5 0.66 -69.23 -14.69
C THR B 5 -0.20 -68.02 -15.06
N GLU B 6 -1.50 -68.25 -15.24
CA GLU B 6 -2.42 -67.16 -15.58
C GLU B 6 -2.56 -66.20 -14.42
N ILE B 7 -2.56 -66.74 -13.21
CA ILE B 7 -2.63 -65.94 -11.99
C ILE B 7 -1.43 -65.01 -11.90
N TYR B 8 -0.25 -65.55 -12.15
CA TYR B 8 0.98 -64.78 -12.13
C TYR B 8 1.03 -63.78 -13.27
N GLU B 9 0.30 -64.07 -14.34
CA GLU B 9 0.22 -63.15 -15.48
C GLU B 9 -0.63 -61.94 -15.14
N LYS B 10 -1.82 -62.19 -14.60
CA LYS B 10 -2.70 -61.12 -14.15
C LYS B 10 -2.01 -60.28 -13.08
N GLU B 11 -1.39 -60.96 -12.12
CA GLU B 11 -0.62 -60.31 -11.07
C GLU B 11 0.49 -59.44 -11.65
N SER B 12 1.15 -59.94 -12.68
CA SER B 12 2.19 -59.18 -13.37
C SER B 12 1.63 -57.93 -14.02
N ILE B 13 0.45 -58.05 -14.61
CA ILE B 13 -0.21 -56.92 -15.25
C ILE B 13 -0.56 -55.84 -14.23
N TYR B 14 -1.22 -56.25 -13.14
CA TYR B 14 -1.58 -55.34 -12.07
C TYR B 14 -0.34 -54.66 -11.48
N SER B 15 0.71 -55.45 -11.29
CA SER B 15 1.99 -54.93 -10.79
C SER B 15 2.57 -53.91 -11.76
N GLU B 16 2.37 -54.13 -13.06
CA GLU B 16 2.85 -53.20 -14.08
C GLU B 16 2.10 -51.88 -14.00
N GLU B 17 0.77 -51.97 -13.89
CA GLU B 17 -0.06 -50.77 -13.73
C GLU B 17 0.33 -49.97 -12.49
N LYS B 18 0.44 -50.67 -11.36
CA LYS B 18 0.86 -50.06 -10.11
C LYS B 18 2.23 -49.38 -10.26
N ALA B 19 3.13 -50.06 -10.95
CA ALA B 19 4.46 -49.51 -11.21
C ALA B 19 4.37 -48.22 -12.03
N GLN B 20 3.43 -48.20 -12.98
CA GLN B 20 3.22 -47.01 -13.81
C GLN B 20 2.71 -45.84 -12.98
N LEU B 21 1.70 -46.10 -12.15
CA LEU B 21 1.15 -45.07 -11.27
C LEU B 21 2.22 -44.52 -10.32
N LEU B 22 2.97 -45.43 -9.72
CA LEU B 22 4.05 -45.05 -8.81
C LEU B 22 5.12 -44.25 -9.53
N ARG B 23 5.34 -44.57 -10.80
CA ARG B 23 6.28 -43.83 -11.63
C ARG B 23 5.80 -42.40 -11.84
N LYS B 24 4.51 -42.25 -12.15
CA LYS B 24 3.90 -40.94 -12.34
C LYS B 24 4.04 -40.09 -11.07
N GLU B 25 3.58 -40.66 -9.95
CA GLU B 25 3.66 -39.98 -8.67
C GLU B 25 5.11 -39.60 -8.34
N MSE B 26 6.05 -40.47 -8.69
CA MSE B 26 7.46 -40.22 -8.44
C MSE B 26 7.96 -39.03 -9.25
O MSE B 26 8.72 -38.20 -8.75
CB MSE B 26 8.29 -41.47 -8.73
CG MSE B 26 9.68 -41.44 -8.12
SE MSE B 26 10.42 -43.24 -7.89
CE MSE B 26 12.00 -42.77 -6.85
N GLU B 27 7.54 -38.97 -10.51
CA GLU B 27 7.85 -37.82 -11.36
C GLU B 27 7.31 -36.54 -10.74
N SER B 28 6.06 -36.60 -10.27
CA SER B 28 5.43 -35.48 -9.60
C SER B 28 6.23 -34.98 -8.40
N VAL B 29 6.53 -35.89 -7.47
CA VAL B 29 7.28 -35.55 -6.27
C VAL B 29 8.67 -35.00 -6.59
N GLU B 30 9.29 -35.56 -7.64
CA GLU B 30 10.60 -35.09 -8.09
C GLU B 30 10.49 -33.65 -8.57
N THR B 31 9.43 -33.37 -9.32
CA THR B 31 9.16 -32.02 -9.81
C THR B 31 8.97 -31.05 -8.65
N ALA B 32 8.22 -31.49 -7.64
CA ALA B 32 7.98 -30.68 -6.44
C ALA B 32 9.28 -30.34 -5.72
N ASP B 33 10.08 -31.37 -5.43
CA ASP B 33 11.36 -31.17 -4.75
C ASP B 33 12.28 -30.25 -5.55
N LEU B 34 12.26 -30.42 -6.87
CA LEU B 34 13.05 -29.57 -7.75
C LEU B 34 12.58 -28.12 -7.67
N GLU B 35 11.27 -27.94 -7.56
CA GLU B 35 10.66 -26.62 -7.43
C GLU B 35 11.09 -25.93 -6.14
N TYR B 36 10.96 -26.63 -5.02
CA TYR B 36 11.34 -26.08 -3.72
C TYR B 36 12.83 -25.79 -3.65
N THR B 37 13.62 -26.62 -4.33
CA THR B 37 15.06 -26.42 -4.37
C THR B 37 15.40 -25.21 -5.21
N SER B 38 14.64 -25.01 -6.27
CA SER B 38 14.80 -23.84 -7.14
C SER B 38 14.46 -22.56 -6.39
N PHE B 39 13.40 -22.62 -5.59
CA PHE B 39 12.98 -21.49 -4.77
C PHE B 39 14.06 -21.14 -3.75
N VAL B 40 14.52 -22.16 -3.01
CA VAL B 40 15.54 -21.95 -1.99
C VAL B 40 16.87 -21.50 -2.59
N GLU B 41 17.12 -21.86 -3.84
CA GLU B 41 18.35 -21.46 -4.52
C GLU B 41 18.27 -20.02 -5.01
N PHE B 42 17.15 -19.66 -5.63
CA PHE B 42 16.95 -18.32 -6.17
C PHE B 42 16.85 -17.28 -5.06
N THR B 43 16.05 -17.58 -4.04
CA THR B 43 15.80 -16.62 -2.97
C THR B 43 17.00 -16.44 -2.05
N ASN B 44 17.81 -17.49 -1.89
CA ASN B 44 18.94 -17.47 -0.96
C ASN B 44 18.50 -17.09 0.44
N LEU B 45 17.35 -17.64 0.85
CA LEU B 45 16.67 -17.29 2.09
C LEU B 45 17.57 -17.29 3.33
N PRO B 46 18.57 -18.19 3.39
CA PRO B 46 19.41 -18.20 4.59
C PRO B 46 20.28 -16.94 4.68
N LYS B 47 20.96 -16.61 3.59
CA LYS B 47 21.83 -15.44 3.55
C LYS B 47 21.01 -14.16 3.54
N LEU B 48 19.84 -14.22 2.94
CA LEU B 48 18.94 -13.06 2.88
C LEU B 48 18.42 -12.74 4.28
N ILE B 49 17.97 -13.77 5.00
CA ILE B 49 17.48 -13.60 6.37
C ILE B 49 18.61 -13.17 7.29
N ASN B 50 19.78 -13.78 7.13
CA ASN B 50 20.93 -13.44 7.95
C ASN B 50 21.38 -11.99 7.76
N ASP B 51 21.40 -11.54 6.51
CA ASP B 51 21.78 -10.17 6.19
C ASP B 51 20.73 -9.17 6.66
N LEU B 52 19.47 -9.47 6.39
CA LEU B 52 18.36 -8.60 6.75
C LEU B 52 18.20 -8.43 8.26
N ALA B 53 18.43 -9.51 9.00
CA ALA B 53 18.30 -9.49 10.45
C ALA B 53 19.36 -8.57 11.07
N ALA B 54 20.54 -8.51 10.45
CA ALA B 54 21.61 -7.66 10.94
C ALA B 54 21.29 -6.19 10.69
N ALA B 55 20.69 -5.91 9.54
CA ALA B 55 20.35 -4.54 9.16
C ALA B 55 19.03 -4.07 9.75
N TYR B 56 18.33 -4.98 10.41
CA TYR B 56 17.02 -4.65 10.98
C TYR B 56 17.11 -4.12 12.41
N THR B 57 17.62 -4.95 13.33
CA THR B 57 17.68 -4.59 14.74
C THR B 57 18.80 -3.59 15.03
N THR B 58 19.79 -4.02 15.81
CA THR B 58 20.90 -3.15 16.20
C THR B 58 21.93 -3.02 15.09
N GLY B 59 21.49 -2.61 13.91
CA GLY B 59 22.38 -2.48 12.78
C GLY B 59 22.23 -1.18 12.02
N GLY B 60 23.14 -0.25 12.25
CA GLY B 60 23.18 0.99 11.50
C GLY B 60 24.27 0.92 10.45
N ASN B 61 24.44 -0.27 9.87
CA ASN B 61 25.50 -0.53 8.91
C ASN B 61 25.15 -1.71 8.01
N ASN B 62 25.56 -1.66 6.74
CA ASN B 62 26.32 -0.54 6.18
C ASN B 62 25.90 -0.23 4.76
N ASN B 63 24.69 -0.67 4.40
CA ASN B 63 24.15 -0.50 3.05
C ASN B 63 25.05 -1.11 1.97
N ASP B 64 24.80 -0.71 0.71
CA ASP B 64 25.56 -1.19 -0.44
C ASP B 64 25.55 -2.71 -0.57
N ALA B 65 24.56 -3.24 -1.30
CA ALA B 65 23.54 -2.42 -1.95
C ALA B 65 22.16 -3.03 -1.75
N ASP B 66 21.27 -2.79 -2.72
CA ASP B 66 19.93 -3.34 -2.68
C ASP B 66 19.98 -4.85 -2.86
N PRO B 67 19.47 -5.60 -1.88
CA PRO B 67 19.48 -7.06 -1.87
C PRO B 67 18.75 -7.66 -3.07
N GLN B 68 17.63 -7.04 -3.46
CA GLN B 68 16.85 -7.51 -4.58
C GLN B 68 17.62 -7.37 -5.89
N LEU B 69 18.39 -6.31 -6.01
CA LEU B 69 19.23 -6.10 -7.18
C LEU B 69 20.31 -7.17 -7.26
N GLU B 70 20.86 -7.52 -6.10
CA GLU B 70 21.86 -8.58 -6.02
C GLU B 70 21.25 -9.90 -6.44
N MSE B 71 20.01 -10.12 -6.01
CA MSE B 71 19.25 -11.32 -6.40
C MSE B 71 19.08 -11.39 -7.89
O MSE B 71 19.54 -12.33 -8.52
CB MSE B 71 17.88 -11.32 -5.74
CG MSE B 71 17.84 -11.86 -4.31
SE MSE B 71 16.05 -11.72 -3.56
CE MSE B 71 15.09 -12.83 -4.84
N MSE B 72 18.41 -10.39 -8.46
CA MSE B 72 18.10 -10.34 -9.89
C MSE B 72 19.36 -10.44 -10.74
O MSE B 72 19.33 -11.03 -11.83
CB MSE B 72 17.33 -9.08 -10.25
CG MSE B 72 15.86 -9.33 -10.62
SE MSE B 72 14.65 -8.11 -9.71
CE MSE B 72 15.10 -6.43 -10.60
N ARG B 73 20.45 -9.85 -10.26
CA ARG B 73 21.71 -9.90 -10.98
C ARG B 73 22.28 -11.32 -10.97
N ASP B 74 22.26 -11.94 -9.80
CA ASP B 74 22.76 -13.30 -9.63
C ASP B 74 21.98 -14.29 -10.48
N GLN B 75 20.66 -14.17 -10.41
CA GLN B 75 19.76 -15.05 -11.15
C GLN B 75 19.89 -14.87 -12.65
N ILE B 76 19.97 -13.61 -13.09
CA ILE B 76 20.15 -13.34 -14.51
C ILE B 76 21.48 -13.87 -15.01
N LYS B 77 22.53 -13.71 -14.21
CA LYS B 77 23.86 -14.20 -14.57
C LYS B 77 23.86 -15.72 -14.68
N SER B 78 23.26 -16.38 -13.69
CA SER B 78 23.18 -17.83 -13.66
C SER B 78 22.39 -18.37 -14.84
N TRP B 79 21.23 -17.76 -15.10
CA TRP B 79 20.38 -18.17 -16.21
C TRP B 79 21.08 -17.99 -17.55
N ALA B 80 21.71 -16.83 -17.75
CA ALA B 80 22.42 -16.56 -19.00
C ALA B 80 23.60 -17.50 -19.19
N TYR B 81 24.32 -17.78 -18.12
CA TYR B 81 25.48 -18.67 -18.17
C TYR B 81 25.07 -20.10 -18.49
N ALA B 82 24.02 -20.58 -17.83
CA ALA B 82 23.50 -21.92 -18.06
C ALA B 82 22.96 -22.05 -19.48
N VAL B 83 22.24 -21.03 -19.93
CA VAL B 83 21.68 -21.02 -21.27
C VAL B 83 22.79 -21.02 -22.32
N GLN B 84 23.87 -20.31 -22.05
CA GLN B 84 25.00 -20.27 -22.98
C GLN B 84 25.74 -21.61 -23.00
N GLN B 85 25.92 -22.20 -21.82
CA GLN B 85 26.67 -23.44 -21.68
C GLN B 85 25.96 -24.68 -22.25
N ASN B 86 24.72 -24.89 -21.83
CA ASN B 86 23.95 -26.06 -22.27
C ASN B 86 23.58 -26.02 -23.75
N GLU B 87 23.06 -24.88 -24.19
CA GLU B 87 22.60 -24.70 -25.56
C GLU B 87 23.81 -24.66 -26.50
N PHE B 88 23.70 -25.06 -27.79
CA PHE B 88 22.49 -25.42 -28.56
C PHE B 88 21.47 -24.29 -28.67
N ASN B 89 21.99 -23.07 -28.79
CA ASN B 89 21.17 -21.86 -28.78
C ASN B 89 20.51 -21.56 -30.12
N ASP B 90 21.25 -21.76 -31.20
CA ASP B 90 20.77 -21.40 -32.53
C ASP B 90 19.55 -22.24 -32.91
N ILE B 91 18.39 -21.86 -32.38
CA ILE B 91 17.16 -22.60 -32.60
C ILE B 91 16.78 -22.63 -34.07
N GLU B 92 17.10 -21.56 -34.79
CA GLU B 92 16.82 -21.48 -36.21
C GLU B 92 17.71 -22.46 -36.96
N ARG B 93 18.98 -22.52 -36.56
CA ARG B 93 19.90 -23.46 -37.17
C ARG B 93 19.62 -24.88 -36.68
N ILE B 94 18.98 -24.99 -35.52
CA ILE B 94 18.57 -26.30 -35.02
C ILE B 94 17.44 -26.83 -35.89
N ILE B 95 16.56 -25.92 -36.28
CA ILE B 95 15.44 -26.24 -37.16
C ILE B 95 15.96 -26.60 -38.54
N ASN B 96 16.92 -25.82 -39.04
CA ASN B 96 17.54 -26.10 -40.33
C ASN B 96 18.26 -27.44 -40.31
N VAL B 97 18.87 -27.75 -39.17
CA VAL B 97 19.55 -29.04 -38.99
C VAL B 97 18.56 -30.20 -39.02
N ILE B 98 17.44 -30.04 -38.31
CA ILE B 98 16.40 -31.06 -38.31
C ILE B 98 15.82 -31.27 -39.71
N SER B 99 15.63 -30.17 -40.43
CA SER B 99 15.13 -30.24 -41.80
C SER B 99 16.13 -30.93 -42.71
N SER B 100 17.42 -30.66 -42.50
CA SER B 100 18.47 -31.27 -43.29
C SER B 100 18.56 -32.77 -43.05
N LYS B 101 18.50 -33.18 -41.79
CA LYS B 101 18.51 -34.60 -41.44
C LYS B 101 17.29 -35.30 -42.02
N ARG B 102 16.14 -34.65 -41.92
CA ARG B 102 14.91 -35.19 -42.50
C ARG B 102 15.03 -35.35 -44.01
N LYS B 103 15.70 -34.40 -44.65
CA LYS B 103 15.92 -34.44 -46.09
C LYS B 103 16.86 -35.58 -46.48
N GLU B 104 17.89 -35.79 -45.67
CA GLU B 104 18.83 -36.88 -45.89
C GLU B 104 18.14 -38.23 -45.76
N ILE B 105 17.37 -38.40 -44.69
CA ILE B 105 16.62 -39.63 -44.47
C ILE B 105 15.59 -39.85 -45.59
N LEU B 106 15.02 -38.76 -46.09
CA LEU B 106 14.04 -38.84 -47.17
C LEU B 106 14.70 -39.26 -48.47
N ASP B 107 15.90 -38.74 -48.73
CA ASP B 107 16.64 -39.09 -49.94
C ASP B 107 17.09 -40.55 -49.89
N ILE B 108 17.52 -40.98 -48.71
CA ILE B 108 17.95 -42.37 -48.52
C ILE B 108 16.76 -43.31 -48.70
N LEU B 109 15.61 -42.92 -48.13
CA LEU B 109 14.38 -43.70 -48.27
C LEU B 109 13.93 -43.73 -49.73
N ALA B 110 14.24 -42.67 -50.46
CA ALA B 110 13.90 -42.58 -51.88
C ALA B 110 14.83 -43.44 -52.73
N THR B 111 16.06 -43.63 -52.26
CA THR B 111 17.04 -44.40 -52.99
C THR B 111 16.75 -45.89 -52.94
N LEU B 112 16.08 -46.33 -51.88
CA LEU B 112 15.75 -47.74 -51.70
C LEU B 112 14.47 -48.13 -52.43
N PRO B 113 14.26 -49.43 -52.62
CA PRO B 113 13.07 -49.94 -53.32
C PRO B 113 12.82 -51.42 -53.08
N ALA B 114 11.56 -51.83 -53.06
CA ALA B 114 10.43 -50.90 -53.12
C ALA B 114 9.37 -51.23 -52.07
N GLU B 115 9.76 -51.96 -51.03
CA GLU B 115 8.83 -52.36 -49.97
C GLU B 115 9.31 -51.95 -48.58
N GLU B 116 8.44 -52.14 -47.58
CA GLU B 116 8.74 -51.86 -46.18
C GLU B 116 9.12 -50.42 -45.85
N LYS B 117 9.03 -49.53 -46.84
CA LYS B 117 9.37 -48.13 -46.66
C LYS B 117 8.24 -47.30 -46.02
N GLU B 118 7.13 -47.96 -45.69
CA GLU B 118 5.98 -47.28 -45.10
C GLU B 118 6.08 -47.05 -43.60
N ASN B 119 6.62 -48.04 -42.88
CA ASN B 119 6.77 -47.91 -41.43
C ASN B 119 7.78 -46.81 -41.06
N ILE B 120 8.84 -46.71 -41.86
CA ILE B 120 9.83 -45.66 -41.69
C ILE B 120 9.17 -44.30 -41.92
N LEU B 121 8.32 -44.22 -42.94
CA LEU B 121 7.57 -43.01 -43.21
C LEU B 121 6.64 -42.63 -42.05
N LYS B 122 6.02 -43.63 -41.44
CA LYS B 122 5.15 -43.39 -40.29
C LYS B 122 5.93 -42.86 -39.10
N LEU B 123 7.07 -43.47 -38.83
CA LEU B 123 7.96 -43.01 -37.77
C LEU B 123 8.38 -41.57 -38.04
N LYS B 124 8.68 -41.29 -39.30
CA LYS B 124 9.03 -39.95 -39.74
C LYS B 124 7.89 -38.97 -39.47
N ALA B 125 6.66 -39.41 -39.69
CA ALA B 125 5.49 -38.57 -39.42
C ALA B 125 5.34 -38.26 -37.93
N SER B 126 5.54 -39.27 -37.09
CA SER B 126 5.47 -39.08 -35.65
C SER B 126 6.55 -38.11 -35.16
N LEU B 127 7.76 -38.35 -35.63
CA LEU B 127 8.90 -37.50 -35.30
C LEU B 127 8.65 -36.07 -35.75
N VAL B 128 8.05 -35.91 -36.92
CA VAL B 128 7.71 -34.60 -37.46
C VAL B 128 6.67 -33.90 -36.60
N GLU B 129 5.71 -34.66 -36.08
CA GLU B 129 4.68 -34.08 -35.22
C GLU B 129 5.27 -33.58 -33.90
N ALA B 130 6.05 -34.43 -33.25
CA ALA B 130 6.71 -34.06 -32.00
C ALA B 130 7.63 -32.87 -32.20
N SER B 131 8.38 -32.91 -33.30
CA SER B 131 9.30 -31.84 -33.67
C SER B 131 8.55 -30.53 -33.89
N GLN B 132 7.37 -30.62 -34.47
CA GLN B 132 6.55 -29.42 -34.71
C GLN B 132 6.05 -28.82 -33.39
N SER B 133 5.58 -29.69 -32.49
CA SER B 133 5.09 -29.21 -31.20
C SER B 133 6.20 -28.53 -30.40
N ASP B 134 7.34 -29.21 -30.32
CA ASP B 134 8.50 -28.65 -29.63
C ASP B 134 8.97 -27.37 -30.31
N GLU B 135 8.86 -27.32 -31.64
CA GLU B 135 9.29 -26.16 -32.39
C GLU B 135 8.42 -24.95 -32.12
N LYS B 136 7.13 -25.16 -31.91
CA LYS B 136 6.25 -24.05 -31.59
C LYS B 136 6.46 -23.59 -30.15
N LEU B 137 6.60 -24.57 -29.26
CA LEU B 137 6.81 -24.29 -27.84
C LEU B 137 8.09 -23.48 -27.65
N PHE B 138 9.11 -23.79 -28.45
CA PHE B 138 10.35 -23.03 -28.39
C PHE B 138 10.28 -21.81 -29.30
N ARG B 139 9.25 -21.75 -30.14
CA ARG B 139 9.07 -20.62 -31.03
C ARG B 139 8.56 -19.43 -30.24
N LEU B 140 7.80 -19.72 -29.19
CA LEU B 140 7.25 -18.64 -28.36
C LEU B 140 8.36 -17.81 -27.71
N ILE B 141 9.12 -18.44 -26.82
CA ILE B 141 10.23 -17.79 -26.12
C ILE B 141 11.47 -17.50 -26.95
N LYS B 142 11.30 -17.23 -28.24
CA LYS B 142 12.44 -17.04 -29.15
C LYS B 142 13.28 -15.80 -28.82
N PRO B 143 12.63 -14.62 -28.80
CA PRO B 143 13.24 -13.30 -28.62
C PRO B 143 14.04 -13.21 -27.32
N TYR B 144 13.46 -13.72 -26.24
CA TYR B 144 14.11 -13.72 -24.93
C TYR B 144 15.36 -14.57 -24.96
N VAL B 145 15.28 -15.73 -25.62
CA VAL B 145 16.39 -16.65 -25.74
C VAL B 145 17.54 -15.98 -26.48
N ALA B 146 17.24 -15.42 -27.65
CA ALA B 146 18.25 -14.74 -28.45
C ALA B 146 18.85 -13.56 -27.67
N GLU B 147 18.01 -12.89 -26.91
CA GLU B 147 18.41 -11.75 -26.10
C GLU B 147 19.36 -12.14 -24.96
N ILE B 148 19.15 -13.32 -24.41
CA ILE B 148 19.96 -13.80 -23.28
C ILE B 148 21.42 -14.05 -23.68
N LYS B 149 21.66 -14.17 -24.97
CA LYS B 149 23.02 -14.31 -25.48
C LYS B 149 23.67 -12.93 -25.60
N LEU B 150 24.67 -12.82 -26.47
CA LEU B 150 25.37 -11.55 -26.72
C LEU B 150 26.15 -11.00 -25.50
N LEU B 151 25.64 -11.29 -24.31
CA LEU B 151 26.26 -10.89 -23.04
C LEU B 151 26.19 -9.39 -22.78
N CYS B 152 26.59 -8.59 -23.78
CA CYS B 152 26.57 -7.15 -23.66
C CYS B 152 25.14 -6.60 -23.60
N ASN B 153 24.26 -7.17 -24.41
CA ASN B 153 22.88 -6.72 -24.50
C ASN B 153 22.09 -6.82 -23.20
N ASP B 154 22.10 -8.01 -22.59
CA ASP B 154 21.35 -8.24 -21.36
C ASP B 154 21.88 -7.39 -20.22
N SER B 155 23.21 -7.34 -20.09
CA SER B 155 23.86 -6.56 -19.06
C SER B 155 23.52 -5.08 -19.24
N SER B 156 23.53 -4.62 -20.48
CA SER B 156 23.18 -3.24 -20.80
C SER B 156 21.73 -2.96 -20.45
N LEU B 157 20.86 -3.94 -20.67
CA LEU B 157 19.43 -3.78 -20.37
C LEU B 157 19.18 -3.66 -18.87
N TRP B 158 19.81 -4.55 -18.10
CA TRP B 158 19.67 -4.51 -16.64
C TRP B 158 20.29 -3.24 -16.05
N ARG B 159 21.45 -2.86 -16.57
CA ARG B 159 22.15 -1.67 -16.13
C ARG B 159 21.34 -0.42 -16.43
N LYS B 160 20.72 -0.39 -17.61
CA LYS B 160 19.88 0.75 -17.99
C LYS B 160 18.64 0.77 -17.12
N PHE B 161 18.13 -0.41 -16.78
CA PHE B 161 16.96 -0.53 -15.92
C PHE B 161 17.24 0.07 -14.56
N ASP B 162 18.38 -0.31 -13.97
CA ASP B 162 18.79 0.21 -12.66
C ASP B 162 19.12 1.70 -12.72
N GLU B 163 19.69 2.14 -13.85
CA GLU B 163 20.13 3.53 -14.01
C GLU B 163 18.94 4.49 -14.08
N PHE B 164 17.94 4.13 -14.88
CA PHE B 164 16.74 4.96 -15.02
C PHE B 164 15.76 4.72 -13.89
N GLN B 165 16.28 4.65 -12.67
CA GLN B 165 15.46 4.42 -11.48
C GLN B 165 16.19 4.88 -10.23
N SER B 166 17.05 5.89 -10.38
CA SER B 166 17.82 6.42 -9.27
C SER B 166 16.94 7.24 -8.33
N ASP B 176 14.10 7.26 5.61
CA ASP B 176 15.55 7.18 5.68
C ASP B 176 16.03 7.21 7.13
N ILE B 177 15.11 6.97 8.06
CA ILE B 177 15.43 6.97 9.47
C ILE B 177 15.27 5.59 10.08
N ASP B 178 15.23 5.52 11.41
CA ASP B 178 15.08 4.27 12.12
C ASP B 178 13.73 4.19 12.82
N ASP B 179 13.55 3.13 13.62
CA ASP B 179 12.32 2.89 14.36
C ASP B 179 11.09 2.86 13.45
N SER B 180 9.96 3.30 13.98
CA SER B 180 8.69 3.34 13.23
C SER B 180 8.29 1.98 12.68
N LYS B 181 8.55 1.76 11.40
CA LYS B 181 8.17 0.52 10.74
C LYS B 181 9.25 -0.55 10.81
N THR B 182 10.33 -0.28 11.54
CA THR B 182 11.43 -1.23 11.69
C THR B 182 10.98 -2.51 12.35
N GLU B 183 10.15 -2.37 13.39
CA GLU B 183 9.65 -3.52 14.14
C GLU B 183 8.80 -4.41 13.24
N LEU B 184 8.02 -3.78 12.36
CA LEU B 184 7.21 -4.50 11.39
C LEU B 184 8.09 -5.32 10.46
N ILE B 185 9.18 -4.71 9.98
CA ILE B 185 10.15 -5.39 9.14
C ILE B 185 10.75 -6.59 9.87
N LEU B 186 11.06 -6.41 11.15
CA LEU B 186 11.61 -7.49 11.97
C LEU B 186 10.61 -8.65 12.08
N SER B 187 9.36 -8.32 12.36
CA SER B 187 8.30 -9.32 12.47
C SER B 187 8.14 -10.09 11.16
N LYS B 188 8.15 -9.35 10.05
CA LYS B 188 8.07 -9.94 8.73
C LYS B 188 9.24 -10.90 8.49
N LEU B 189 10.42 -10.51 8.96
CA LEU B 189 11.61 -11.35 8.85
C LEU B 189 11.43 -12.65 9.63
N LYS B 190 10.92 -12.54 10.86
CA LYS B 190 10.65 -13.70 11.69
C LYS B 190 9.66 -14.64 11.01
N ALA B 191 8.60 -14.06 10.46
CA ALA B 191 7.58 -14.82 9.73
C ALA B 191 8.20 -15.54 8.54
N ILE B 192 9.12 -14.86 7.86
CA ILE B 192 9.83 -15.45 6.74
C ILE B 192 10.67 -16.65 7.18
N THR B 193 11.31 -16.51 8.33
CA THR B 193 12.11 -17.60 8.89
C THR B 193 11.24 -18.82 9.21
N GLN B 194 10.15 -18.59 9.94
CA GLN B 194 9.21 -19.65 10.30
C GLN B 194 8.65 -20.32 9.05
N PHE B 195 8.34 -19.51 8.05
CA PHE B 195 7.82 -20.01 6.79
C PHE B 195 8.84 -20.91 6.10
N ALA B 196 10.10 -20.47 6.10
CA ALA B 196 11.19 -21.24 5.50
C ALA B 196 11.35 -22.61 6.18
N GLU B 197 11.42 -22.59 7.52
CA GLU B 197 11.53 -23.82 8.28
C GLU B 197 10.35 -24.75 8.02
N ASP B 198 9.17 -24.17 7.93
CA ASP B 198 7.96 -24.94 7.63
C ASP B 198 8.02 -25.56 6.25
N LEU B 199 8.62 -24.84 5.31
CA LEU B 199 8.76 -25.31 3.93
C LEU B 199 9.73 -26.49 3.86
N ARG B 200 10.89 -26.35 4.50
CA ARG B 200 11.87 -27.42 4.54
C ARG B 200 11.30 -28.65 5.23
N LEU B 201 10.55 -28.42 6.30
CA LEU B 201 9.90 -29.51 7.03
C LEU B 201 8.86 -30.19 6.15
N LEU B 202 8.21 -29.41 5.30
CA LEU B 202 7.22 -29.94 4.37
C LEU B 202 7.86 -30.84 3.32
N LYS B 203 8.97 -30.35 2.74
CA LYS B 203 9.71 -31.13 1.75
C LYS B 203 10.21 -32.44 2.35
N GLU B 204 10.82 -32.34 3.53
CA GLU B 204 11.29 -33.52 4.25
C GLU B 204 10.14 -34.48 4.53
N GLU B 205 8.99 -33.94 4.89
CA GLU B 205 7.81 -34.75 5.20
C GLU B 205 7.31 -35.50 3.97
N ARG B 206 7.34 -34.84 2.81
CA ARG B 206 6.93 -35.48 1.57
C ARG B 206 7.90 -36.58 1.15
N ALA B 207 9.19 -36.24 1.17
CA ALA B 207 10.26 -37.19 0.84
C ALA B 207 10.18 -38.45 1.71
N ARG B 208 9.99 -38.24 3.01
CA ARG B 208 9.83 -39.33 3.95
C ARG B 208 8.53 -40.11 3.67
N THR B 209 7.50 -39.37 3.30
CA THR B 209 6.20 -39.97 3.01
C THR B 209 6.29 -40.98 1.87
N MSE B 210 6.86 -40.58 0.74
CA MSE B 210 7.02 -41.54 -0.35
C MSE B 210 8.13 -42.53 -0.03
O MSE B 210 8.17 -43.63 -0.60
CB MSE B 210 7.28 -40.86 -1.69
CG MSE B 210 7.23 -41.83 -2.87
SE MSE B 210 7.58 -41.08 -4.63
CE MSE B 210 5.81 -40.36 -5.05
N GLY B 211 9.03 -42.16 0.87
CA GLY B 211 10.06 -43.07 1.32
C GLY B 211 9.42 -44.29 1.98
N GLU B 212 8.37 -44.02 2.75
CA GLU B 212 7.59 -45.10 3.39
C GLU B 212 6.63 -45.74 2.41
N LEU B 213 6.16 -44.96 1.44
CA LEU B 213 5.22 -45.43 0.43
C LEU B 213 5.84 -46.49 -0.49
N LYS B 214 7.09 -46.27 -0.89
CA LYS B 214 7.80 -47.24 -1.73
C LYS B 214 8.05 -48.54 -0.96
N ASP B 215 8.34 -48.43 0.33
CA ASP B 215 8.52 -49.62 1.15
C ASP B 215 7.16 -50.29 1.41
N TYR B 216 6.10 -49.52 1.20
CA TYR B 216 4.73 -50.03 1.31
C TYR B 216 4.33 -50.67 -0.02
N VAL B 217 5.08 -50.34 -1.05
CA VAL B 217 4.86 -50.86 -2.40
C VAL B 217 5.49 -52.23 -2.56
N ASN B 218 6.50 -52.51 -1.75
CA ASN B 218 7.18 -53.80 -1.76
C ASN B 218 6.41 -54.83 -0.95
N ASN B 219 5.10 -54.67 -0.93
CA ASN B 219 4.19 -55.62 -0.30
C ASN B 219 2.93 -55.76 -1.16
N ASN B 220 2.03 -56.64 -0.77
CA ASN B 220 0.84 -56.92 -1.57
C ASN B 220 -0.26 -55.89 -1.37
N ALA B 229 -0.98 -61.44 -2.96
CA ALA B 229 -0.91 -62.85 -2.59
C ALA B 229 -1.97 -63.67 -3.33
N ASN B 230 -2.86 -64.30 -2.59
CA ASN B 230 -3.90 -65.13 -3.17
C ASN B 230 -5.00 -64.30 -3.83
N LYS B 231 -5.28 -64.60 -5.10
CA LYS B 231 -6.32 -63.90 -5.84
C LYS B 231 -7.57 -64.77 -5.98
N ASP B 232 -7.46 -65.83 -6.78
CA ASP B 232 -8.58 -66.72 -7.09
C ASP B 232 -9.79 -65.95 -7.63
N LYS B 233 -9.69 -65.50 -8.87
CA LYS B 233 -10.78 -64.81 -9.54
C LYS B 233 -10.95 -65.22 -11.00
N SER B 234 -12.18 -65.48 -11.41
CA SER B 234 -12.46 -65.95 -12.77
C SER B 234 -13.43 -65.02 -13.52
N ASP B 235 -14.04 -65.58 -14.57
CA ASP B 235 -15.07 -64.94 -15.40
C ASP B 235 -14.79 -63.92 -16.54
N ALA B 236 -13.56 -63.63 -16.97
CA ALA B 236 -12.29 -63.94 -16.32
C ALA B 236 -11.57 -62.62 -16.06
N GLU B 237 -11.42 -61.83 -17.12
CA GLU B 237 -10.84 -60.49 -17.03
C GLU B 237 -11.91 -59.41 -17.10
N LEU B 238 -13.16 -59.84 -17.29
CA LEU B 238 -14.30 -58.93 -17.38
C LEU B 238 -14.54 -58.12 -16.10
N GLN B 239 -14.09 -58.67 -14.98
CA GLN B 239 -14.24 -58.03 -13.68
C GLN B 239 -12.86 -57.74 -13.07
N SER B 240 -11.83 -58.36 -13.65
CA SER B 240 -10.47 -58.21 -13.16
C SER B 240 -9.95 -56.77 -13.28
N LEU B 241 -10.46 -56.02 -14.24
CA LEU B 241 -10.06 -54.62 -14.38
C LEU B 241 -10.64 -53.78 -13.25
N PHE B 242 -11.85 -54.14 -12.82
CA PHE B 242 -12.52 -53.45 -11.73
C PHE B 242 -11.87 -53.80 -10.41
N GLU B 243 -11.57 -55.09 -10.24
CA GLU B 243 -10.86 -55.58 -9.06
C GLU B 243 -9.48 -54.93 -8.95
N SER B 244 -8.80 -54.81 -10.09
CA SER B 244 -7.50 -54.18 -10.15
C SER B 244 -7.60 -52.71 -9.79
N GLU B 245 -8.64 -52.05 -10.30
CA GLU B 245 -8.85 -50.64 -10.00
C GLU B 245 -9.18 -50.40 -8.53
N LEU B 246 -9.86 -51.35 -7.90
CA LEU B 246 -10.22 -51.21 -6.49
C LEU B 246 -9.07 -51.52 -5.54
N ALA B 247 -8.17 -52.42 -5.97
CA ALA B 247 -7.04 -52.82 -5.14
C ALA B 247 -5.95 -51.75 -5.08
N LYS B 248 -6.11 -50.71 -5.89
CA LYS B 248 -5.11 -49.65 -6.02
C LYS B 248 -5.38 -48.42 -5.16
N PHE B 249 -6.34 -48.49 -4.24
CA PHE B 249 -6.67 -47.32 -3.44
C PHE B 249 -5.79 -47.17 -2.19
N GLU B 250 -5.09 -48.23 -1.81
CA GLU B 250 -4.18 -48.17 -0.67
C GLU B 250 -3.13 -47.12 -0.94
N PRO B 251 -2.62 -47.10 -2.18
CA PRO B 251 -1.63 -46.19 -2.78
C PRO B 251 -2.28 -44.86 -3.11
N LEU B 252 -3.62 -44.84 -3.11
CA LEU B 252 -4.37 -43.63 -3.42
C LEU B 252 -4.53 -42.75 -2.20
N THR B 253 -4.74 -43.34 -1.03
CA THR B 253 -4.76 -42.56 0.19
C THR B 253 -3.39 -41.92 0.42
N THR B 254 -2.35 -42.71 0.17
CA THR B 254 -0.97 -42.24 0.28
C THR B 254 -0.71 -41.17 -0.76
N ARG B 255 -1.31 -41.33 -1.94
CA ARG B 255 -1.22 -40.33 -2.99
C ARG B 255 -1.91 -39.05 -2.57
N ILE B 256 -2.97 -39.17 -1.79
CA ILE B 256 -3.70 -38.03 -1.26
C ILE B 256 -2.84 -37.25 -0.28
N GLU B 257 -2.20 -37.96 0.64
CA GLU B 257 -1.31 -37.32 1.60
C GLU B 257 -0.11 -36.67 0.90
N ALA B 258 0.42 -37.37 -0.10
CA ALA B 258 1.56 -36.88 -0.88
C ALA B 258 1.19 -35.58 -1.62
N THR B 259 0.06 -35.62 -2.31
CA THR B 259 -0.45 -34.46 -3.03
C THR B 259 -0.75 -33.32 -2.06
N ILE B 260 -1.13 -33.68 -0.83
CA ILE B 260 -1.41 -32.69 0.20
C ILE B 260 -0.13 -31.97 0.59
N PHE B 261 0.96 -32.72 0.74
CA PHE B 261 2.26 -32.13 1.07
C PHE B 261 2.78 -31.29 -0.11
N LYS B 262 2.58 -31.79 -1.32
CA LYS B 262 2.97 -31.10 -2.54
C LYS B 262 2.22 -29.78 -2.74
N GLN B 263 0.97 -29.76 -2.31
CA GLN B 263 0.10 -28.59 -2.46
C GLN B 263 0.53 -27.38 -1.63
N GLY B 264 1.46 -27.58 -0.70
CA GLY B 264 1.93 -26.49 0.14
C GLY B 264 2.75 -25.41 -0.56
N SER B 265 2.43 -25.17 -1.83
CA SER B 265 3.04 -24.10 -2.61
C SER B 265 2.60 -22.74 -2.08
N THR B 266 1.43 -22.72 -1.46
CA THR B 266 0.87 -21.52 -0.86
C THR B 266 1.83 -20.88 0.14
N ILE B 267 2.45 -21.70 0.99
CA ILE B 267 3.44 -21.20 1.94
C ILE B 267 4.59 -20.50 1.21
N ASN B 268 5.03 -21.08 0.10
CA ASN B 268 6.09 -20.50 -0.71
C ASN B 268 5.69 -19.15 -1.28
N GLY B 269 4.51 -19.09 -1.90
CA GLY B 269 3.99 -17.86 -2.46
C GLY B 269 3.84 -16.77 -1.41
N VAL B 270 3.36 -17.16 -0.24
CA VAL B 270 3.19 -16.24 0.89
C VAL B 270 4.56 -15.72 1.34
N LYS B 271 5.55 -16.59 1.34
CA LYS B 271 6.92 -16.20 1.67
C LYS B 271 7.42 -15.17 0.67
N ILE B 272 7.08 -15.39 -0.60
CA ILE B 272 7.43 -14.46 -1.67
C ILE B 272 6.81 -13.09 -1.45
N GLU B 273 5.49 -13.07 -1.22
CA GLU B 273 4.76 -11.82 -1.01
C GLU B 273 5.26 -11.06 0.22
N LEU B 274 5.54 -11.78 1.29
CA LEU B 274 6.06 -11.17 2.52
C LEU B 274 7.48 -10.66 2.30
N ASP B 275 8.21 -11.33 1.42
CA ASP B 275 9.55 -10.89 1.05
C ASP B 275 9.44 -9.58 0.28
N ASN B 276 8.43 -9.49 -0.58
CA ASN B 276 8.15 -8.26 -1.32
C ASN B 276 7.79 -7.13 -0.38
N ILE B 277 6.95 -7.42 0.62
CA ILE B 277 6.57 -6.44 1.62
C ILE B 277 7.78 -5.94 2.42
N PHE B 278 8.67 -6.87 2.76
CA PHE B 278 9.89 -6.51 3.49
C PHE B 278 10.85 -5.75 2.58
N GLY B 279 10.67 -5.92 1.27
CA GLY B 279 11.48 -5.25 0.28
C GLY B 279 10.92 -3.87 -0.05
N LEU B 280 9.67 -3.64 0.35
CA LEU B 280 8.99 -2.37 0.10
C LEU B 280 9.41 -1.30 1.10
N THR B 281 9.90 -1.71 2.26
CA THR B 281 10.31 -0.77 3.30
C THR B 281 11.55 0.00 2.83
N GLY B 282 11.31 1.05 2.06
CA GLY B 282 12.37 1.82 1.43
C GLY B 282 11.91 3.22 1.09
N ILE B 283 12.23 3.67 -0.12
CA ILE B 283 11.82 4.99 -0.60
C ILE B 283 10.31 5.19 -0.49
N GLN B 284 9.88 6.45 -0.39
CA GLN B 284 8.47 6.77 -0.20
C GLN B 284 8.14 8.18 -0.69
N ASP B 285 6.92 8.37 -1.21
CA ASP B 285 5.95 7.30 -1.40
C ASP B 285 5.25 7.35 -2.76
N LYS B 286 5.93 6.91 -3.81
CA LYS B 286 7.32 6.45 -3.74
C LYS B 286 8.20 7.30 -4.65
N THR B 287 8.16 6.97 -5.94
CA THR B 287 8.90 7.72 -6.96
C THR B 287 8.04 7.90 -8.20
N PRO B 288 8.38 8.89 -9.04
CA PRO B 288 7.53 9.15 -10.21
C PRO B 288 7.78 8.18 -11.36
N GLU B 289 8.77 8.49 -12.19
CA GLU B 289 9.13 7.65 -13.33
C GLU B 289 9.80 6.36 -12.89
N GLU B 290 10.53 6.42 -11.77
CA GLU B 290 11.25 5.26 -11.26
C GLU B 290 10.31 4.13 -10.82
N GLN B 291 9.06 4.47 -10.54
CA GLN B 291 8.08 3.45 -10.17
C GLN B 291 7.71 2.60 -11.39
N LYS B 292 7.37 3.28 -12.48
CA LYS B 292 7.03 2.62 -13.73
C LYS B 292 8.26 1.89 -14.29
N ALA B 293 9.42 2.48 -14.08
CA ALA B 293 10.68 1.86 -14.51
C ALA B 293 10.95 0.58 -13.73
N GLU B 294 10.73 0.63 -12.42
CA GLU B 294 10.91 -0.53 -11.55
C GLU B 294 9.94 -1.64 -11.93
N LEU B 295 8.69 -1.27 -12.18
CA LEU B 295 7.68 -2.22 -12.61
C LEU B 295 8.05 -2.85 -13.95
N GLU B 296 8.58 -2.03 -14.86
CA GLU B 296 9.04 -2.50 -16.16
C GLU B 296 10.18 -3.50 -16.01
N ARG B 297 11.12 -3.19 -15.13
CA ARG B 297 12.23 -4.10 -14.84
C ARG B 297 11.73 -5.42 -14.27
N LYS B 298 10.75 -5.32 -13.38
CA LYS B 298 10.14 -6.50 -12.78
C LYS B 298 9.48 -7.39 -13.84
N LEU B 299 8.70 -6.78 -14.71
CA LEU B 299 8.02 -7.51 -15.77
C LEU B 299 9.00 -8.07 -16.81
N PHE B 300 10.15 -7.42 -16.94
CA PHE B 300 11.16 -7.88 -17.88
C PHE B 300 11.92 -9.07 -17.33
N PHE B 301 12.29 -9.00 -16.05
CA PHE B 301 12.99 -10.09 -15.39
C PHE B 301 12.08 -11.30 -15.21
N ASP B 302 10.77 -11.06 -15.16
CA ASP B 302 9.83 -12.16 -15.01
C ASP B 302 9.54 -12.81 -16.36
N LYS B 303 10.01 -12.17 -17.43
CA LYS B 303 9.88 -12.74 -18.76
C LYS B 303 11.09 -13.59 -19.08
N LEU B 304 12.17 -13.38 -18.35
CA LEU B 304 13.38 -14.18 -18.50
C LEU B 304 13.19 -15.57 -17.89
N GLU B 305 12.56 -15.62 -16.73
CA GLU B 305 12.30 -16.89 -16.05
C GLU B 305 11.45 -17.85 -16.88
N GLU B 306 10.41 -17.31 -17.50
CA GLU B 306 9.53 -18.10 -18.36
C GLU B 306 10.29 -18.73 -19.51
N ALA B 307 11.05 -17.90 -20.23
CA ALA B 307 11.85 -18.37 -21.35
C ALA B 307 12.92 -19.35 -20.91
N THR B 308 13.46 -19.15 -19.71
CA THR B 308 14.46 -20.06 -19.17
C THR B 308 13.87 -21.44 -18.92
N THR B 309 12.72 -21.48 -18.25
CA THR B 309 12.03 -22.74 -18.00
C THR B 309 11.61 -23.43 -19.29
N LYS B 310 11.10 -22.65 -20.23
CA LYS B 310 10.66 -23.19 -21.52
C LYS B 310 11.80 -23.77 -22.33
N PHE B 311 12.91 -23.04 -22.40
CA PHE B 311 14.09 -23.50 -23.12
C PHE B 311 14.72 -24.71 -22.44
N THR B 312 14.61 -24.74 -21.11
CA THR B 312 15.09 -25.89 -20.35
C THR B 312 14.28 -27.13 -20.67
N ILE B 313 12.96 -26.97 -20.73
CA ILE B 313 12.08 -28.07 -21.10
C ILE B 313 12.26 -28.50 -22.55
N PHE B 314 12.63 -27.55 -23.40
CA PHE B 314 12.82 -27.83 -24.83
C PHE B 314 14.19 -28.42 -25.12
N SER B 315 15.12 -28.25 -24.20
CA SER B 315 16.46 -28.81 -24.36
C SER B 315 16.44 -30.34 -24.28
N SER B 316 15.64 -30.87 -23.36
CA SER B 316 15.54 -32.31 -23.16
C SER B 316 14.73 -33.00 -24.26
N ASP B 317 14.07 -32.21 -25.10
CA ASP B 317 13.27 -32.74 -26.19
C ASP B 317 14.04 -32.84 -27.50
N ILE B 318 14.75 -31.77 -27.84
CA ILE B 318 15.53 -31.74 -29.08
C ILE B 318 16.64 -32.78 -29.09
N GLN B 319 17.23 -33.04 -27.93
CA GLN B 319 18.27 -34.06 -27.82
C GLN B 319 17.72 -35.45 -28.12
N LYS B 320 16.60 -35.78 -27.50
CA LYS B 320 15.96 -37.08 -27.70
C LYS B 320 15.49 -37.24 -29.14
N GLY B 321 14.95 -36.17 -29.71
CA GLY B 321 14.46 -36.20 -31.07
C GLY B 321 15.59 -36.34 -32.07
N LEU B 322 16.73 -35.73 -31.76
CA LEU B 322 17.90 -35.83 -32.63
C LEU B 322 18.50 -37.23 -32.52
N ASN B 323 18.39 -37.82 -31.34
CA ASN B 323 18.86 -39.19 -31.13
C ASN B 323 18.02 -40.20 -31.90
N PHE B 324 16.70 -40.04 -31.83
CA PHE B 324 15.77 -40.91 -32.55
C PHE B 324 15.93 -40.72 -34.05
N TYR B 325 16.12 -39.47 -34.48
CA TYR B 325 16.32 -39.15 -35.88
C TYR B 325 17.58 -39.83 -36.39
N ASN B 326 18.66 -39.70 -35.62
CA ASN B 326 19.93 -40.36 -35.96
C ASN B 326 19.78 -41.87 -36.02
N SER B 327 18.99 -42.43 -35.11
CA SER B 327 18.72 -43.87 -35.10
C SER B 327 18.00 -44.32 -36.37
N LEU B 328 16.98 -43.57 -36.75
CA LEU B 328 16.22 -43.85 -37.97
C LEU B 328 17.12 -43.73 -39.20
N LEU B 329 18.01 -42.74 -39.17
CA LEU B 329 18.97 -42.53 -40.24
C LEU B 329 19.91 -43.73 -40.36
N LYS B 330 20.34 -44.23 -39.21
CA LYS B 330 21.21 -45.41 -39.17
C LYS B 330 20.50 -46.66 -39.71
N MSE B 331 19.23 -46.82 -39.35
CA MSE B 331 18.45 -47.95 -39.84
C MSE B 331 18.20 -47.87 -41.35
O MSE B 331 18.24 -48.89 -42.05
CB MSE B 331 17.11 -48.07 -39.09
CG MSE B 331 17.22 -48.79 -37.75
SE MSE B 331 15.48 -49.04 -36.92
CE MSE B 331 14.55 -49.88 -38.40
N SER B 332 17.97 -46.66 -41.84
CA SER B 332 17.80 -46.45 -43.27
C SER B 332 19.11 -46.71 -44.00
N LYS B 333 20.22 -46.36 -43.35
CA LYS B 333 21.55 -46.62 -43.89
C LYS B 333 21.82 -48.12 -43.99
N ASP B 334 21.41 -48.85 -42.95
CA ASP B 334 21.59 -50.31 -42.93
C ASP B 334 20.72 -50.97 -44.00
N LEU B 335 19.47 -50.55 -44.09
CA LEU B 335 18.55 -51.09 -45.09
C LEU B 335 19.02 -50.73 -46.51
N GLN B 336 19.75 -49.63 -46.62
CA GLN B 336 20.31 -49.20 -47.90
C GLN B 336 21.45 -50.13 -48.32
N ASN B 337 22.34 -50.41 -47.37
CA ASN B 337 23.49 -51.27 -47.63
C ASN B 337 23.12 -52.75 -47.78
N SER B 338 21.85 -53.06 -47.56
CA SER B 338 21.36 -54.43 -47.71
C SER B 338 20.95 -54.69 -49.15
N VAL B 339 20.98 -53.65 -49.96
CA VAL B 339 20.64 -53.76 -51.38
C VAL B 339 21.89 -53.55 -52.23
N GLU B 340 23.05 -53.55 -51.58
CA GLU B 340 24.32 -53.36 -52.28
C GLU B 340 25.46 -54.02 -51.51
N MET C 1 -21.24 30.17 19.15
CA MET C 1 -20.19 29.36 19.75
C MET C 1 -20.58 28.93 21.17
N GLN C 2 -19.79 28.02 21.73
CA GLN C 2 -20.03 27.54 23.09
C GLN C 2 -18.99 28.10 24.05
N ILE C 3 -19.42 29.00 24.92
CA ILE C 3 -18.51 29.64 25.87
C ILE C 3 -18.84 29.23 27.31
N PHE C 4 -18.00 29.66 28.24
CA PHE C 4 -18.20 29.34 29.66
C PHE C 4 -18.34 30.60 30.49
N VAL C 5 -19.19 30.54 31.51
CA VAL C 5 -19.42 31.67 32.40
C VAL C 5 -19.15 31.28 33.84
N LYS C 6 -17.94 31.58 34.32
CA LYS C 6 -17.54 31.24 35.68
C LYS C 6 -18.03 32.29 36.68
N THR C 7 -18.86 31.87 37.62
CA THR C 7 -19.38 32.77 38.65
C THR C 7 -18.33 33.02 39.73
N LEU C 8 -18.71 33.80 40.74
CA LEU C 8 -17.80 34.12 41.83
C LEU C 8 -17.61 32.93 42.77
N THR C 9 -18.52 31.97 42.69
CA THR C 9 -18.46 30.77 43.53
C THR C 9 -17.61 29.69 42.89
N GLY C 10 -16.99 30.02 41.76
CA GLY C 10 -16.18 29.06 41.04
C GLY C 10 -17.02 28.12 40.20
N LYS C 11 -18.29 28.47 40.04
CA LYS C 11 -19.22 27.65 39.27
C LYS C 11 -19.14 27.98 37.79
N THR C 12 -18.73 27.01 36.98
CA THR C 12 -18.63 27.19 35.55
C THR C 12 -19.94 26.86 34.85
N ILE C 13 -20.62 27.89 34.36
CA ILE C 13 -21.90 27.70 33.67
C ILE C 13 -21.72 27.77 32.16
N THR C 14 -21.76 26.61 31.51
CA THR C 14 -21.58 26.53 30.07
C THR C 14 -22.76 27.15 29.32
N LEU C 15 -22.51 28.24 28.63
CA LEU C 15 -23.55 28.95 27.88
C LEU C 15 -23.27 28.91 26.37
N GLU C 16 -24.32 28.68 25.59
CA GLU C 16 -24.19 28.61 24.14
C GLU C 16 -24.75 29.88 23.49
N VAL C 17 -24.01 30.42 22.54
CA VAL C 17 -24.43 31.62 21.82
C VAL C 17 -23.82 31.67 20.43
N GLU C 18 -23.66 32.89 19.90
CA GLU C 18 -23.08 33.08 18.58
C GLU C 18 -21.97 34.12 18.63
N PRO C 19 -21.10 34.13 17.61
CA PRO C 19 -20.00 35.10 17.53
C PRO C 19 -20.50 36.49 17.13
N SER C 20 -21.68 36.54 16.52
CA SER C 20 -22.26 37.81 16.08
C SER C 20 -23.06 38.47 17.20
N ASP C 21 -23.36 37.70 18.24
CA ASP C 21 -24.12 38.21 19.38
C ASP C 21 -23.30 39.19 20.21
N THR C 22 -23.94 40.27 20.63
CA THR C 22 -23.26 41.29 21.44
C THR C 22 -23.10 40.82 22.89
N ILE C 23 -22.34 41.58 23.67
CA ILE C 23 -22.12 41.24 25.06
C ILE C 23 -23.39 41.41 25.88
N GLU C 24 -24.25 42.32 25.43
CA GLU C 24 -25.53 42.54 26.08
C GLU C 24 -26.45 41.35 25.86
N ASN C 25 -26.42 40.80 24.66
CA ASN C 25 -27.21 39.63 24.32
C ASN C 25 -26.75 38.40 25.09
N VAL C 26 -25.45 38.30 25.32
CA VAL C 26 -24.88 37.20 26.08
C VAL C 26 -25.14 37.39 27.58
N LYS C 27 -25.29 38.65 27.99
CA LYS C 27 -25.58 38.97 29.39
C LYS C 27 -27.04 38.66 29.72
N MET C 28 -27.93 38.99 28.78
CA MET C 28 -29.36 38.75 28.97
C MET C 28 -29.69 37.27 28.97
N LYS C 29 -28.80 36.47 28.41
CA LYS C 29 -28.98 35.02 28.35
C LYS C 29 -28.65 34.37 29.69
N ILE C 30 -28.07 35.16 30.59
CA ILE C 30 -27.70 34.66 31.91
C ILE C 30 -28.81 34.89 32.93
N GLN C 31 -29.95 35.36 32.45
CA GLN C 31 -31.10 35.61 33.31
C GLN C 31 -32.09 34.45 33.27
N ASP C 32 -31.62 33.31 32.80
CA ASP C 32 -32.47 32.12 32.69
C ASP C 32 -31.82 30.91 33.35
N LYS C 33 -30.49 30.87 33.35
CA LYS C 33 -29.75 29.75 33.92
C LYS C 33 -29.14 30.10 35.28
N GLU C 34 -29.20 31.38 35.63
CA GLU C 34 -28.64 31.85 36.90
C GLU C 34 -29.68 32.60 37.72
N GLY C 35 -30.14 33.73 37.21
CA GLY C 35 -31.13 34.54 37.91
C GLY C 35 -30.58 35.89 38.31
N ILE C 36 -29.25 36.01 38.32
CA ILE C 36 -28.60 37.27 38.67
C ILE C 36 -28.88 38.34 37.62
N PRO C 37 -29.29 39.53 38.07
CA PRO C 37 -29.62 40.67 37.21
C PRO C 37 -28.44 41.09 36.34
N PRO C 38 -28.71 41.49 35.09
CA PRO C 38 -27.68 41.91 34.13
C PRO C 38 -27.07 43.26 34.51
N ASP C 39 -27.76 44.01 35.35
CA ASP C 39 -27.29 45.32 35.78
C ASP C 39 -26.07 45.20 36.69
N GLN C 40 -26.07 44.17 37.53
CA GLN C 40 -24.96 43.93 38.45
C GLN C 40 -24.03 42.84 37.94
N GLN C 41 -24.11 42.56 36.64
CA GLN C 41 -23.28 41.53 36.03
C GLN C 41 -22.05 42.12 35.35
N ARG C 42 -20.87 41.76 35.85
CA ARG C 42 -19.62 42.24 35.29
C ARG C 42 -18.86 41.09 34.61
N LEU C 43 -18.90 41.07 33.29
CA LEU C 43 -18.23 40.01 32.52
C LEU C 43 -16.78 40.38 32.23
N ILE C 44 -15.85 39.64 32.84
CA ILE C 44 -14.43 39.86 32.63
C ILE C 44 -13.79 38.69 31.89
N PHE C 45 -13.28 38.95 30.70
CA PHE C 45 -12.64 37.92 29.89
C PHE C 45 -11.22 38.30 29.52
N ALA C 46 -10.30 37.35 29.65
CA ALA C 46 -8.88 37.55 29.34
C ALA C 46 -8.25 38.68 30.14
N GLY C 47 -8.83 38.99 31.29
CA GLY C 47 -8.29 40.04 32.16
C GLY C 47 -8.89 41.40 31.87
N LYS C 48 -9.62 41.51 30.77
CA LYS C 48 -10.21 42.78 30.38
C LYS C 48 -11.73 42.79 30.57
N GLN C 49 -12.26 43.92 31.04
CA GLN C 49 -13.70 44.06 31.23
C GLN C 49 -14.38 44.40 29.91
N LEU C 50 -15.36 43.57 29.53
CA LEU C 50 -16.05 43.74 28.26
C LEU C 50 -17.13 44.82 28.33
N GLU C 51 -17.23 45.61 27.27
CA GLU C 51 -18.25 46.65 27.19
C GLU C 51 -19.60 46.06 26.81
N ASP C 52 -20.68 46.74 27.20
CA ASP C 52 -22.03 46.25 26.95
C ASP C 52 -22.46 46.45 25.50
N GLY C 53 -21.64 47.16 24.74
CA GLY C 53 -21.94 47.44 23.34
C GLY C 53 -21.10 46.63 22.38
N ARG C 54 -19.99 46.09 22.88
CA ARG C 54 -19.08 45.30 22.06
C ARG C 54 -19.66 43.92 21.75
N THR C 55 -19.38 43.42 20.55
CA THR C 55 -19.85 42.10 20.14
C THR C 55 -18.90 41.00 20.58
N LEU C 56 -19.30 39.75 20.38
CA LEU C 56 -18.48 38.61 20.74
C LEU C 56 -17.24 38.53 19.85
N SER C 57 -17.44 38.73 18.55
CA SER C 57 -16.35 38.72 17.59
C SER C 57 -15.50 39.98 17.73
N ASP C 58 -16.11 41.05 18.23
CA ASP C 58 -15.42 42.31 18.44
C ASP C 58 -14.46 42.20 19.62
N TYR C 59 -14.77 41.29 20.54
CA TYR C 59 -13.93 41.07 21.71
C TYR C 59 -13.00 39.89 21.49
N ASN C 60 -13.05 39.32 20.28
CA ASN C 60 -12.21 38.19 19.91
C ASN C 60 -12.38 36.97 20.84
N ILE C 61 -13.61 36.55 21.03
CA ILE C 61 -13.89 35.40 21.88
C ILE C 61 -14.16 34.15 21.05
N GLN C 62 -13.28 33.17 21.17
CA GLN C 62 -13.41 31.92 20.42
C GLN C 62 -14.27 30.90 21.16
N LYS C 63 -14.50 29.76 20.54
CA LYS C 63 -15.29 28.70 21.15
C LYS C 63 -14.53 28.01 22.27
N GLU C 64 -15.27 27.38 23.19
CA GLU C 64 -14.69 26.69 24.34
C GLU C 64 -13.81 27.61 25.19
N SER C 65 -14.19 28.88 25.26
CA SER C 65 -13.45 29.85 26.05
C SER C 65 -14.21 30.23 27.32
N THR C 66 -13.48 30.38 28.42
CA THR C 66 -14.08 30.71 29.70
C THR C 66 -14.09 32.21 29.96
N LEU C 67 -15.25 32.71 30.39
CA LEU C 67 -15.40 34.12 30.72
C LEU C 67 -15.86 34.29 32.16
N HIS C 68 -15.08 35.04 32.95
CA HIS C 68 -15.40 35.23 34.36
C HIS C 68 -16.57 36.18 34.54
N LEU C 69 -17.30 36.03 35.64
CA LEU C 69 -18.44 36.89 35.95
C LEU C 69 -18.46 37.30 37.41
N VAL C 70 -18.28 38.60 37.65
CA VAL C 70 -18.27 39.14 39.00
C VAL C 70 -19.51 39.97 39.29
N LEU C 71 -19.94 39.96 40.54
CA LEU C 71 -21.12 40.72 40.95
C LEU C 71 -20.75 42.10 41.46
N ARG C 72 -21.44 43.12 40.94
CA ARG C 72 -21.18 44.50 41.32
C ARG C 72 -22.26 45.04 42.25
N LEU C 73 -21.88 45.97 43.11
CA LEU C 73 -22.82 46.58 44.05
C LEU C 73 -23.51 47.80 43.44
N ARG C 74 -22.70 48.74 42.97
CA ARG C 74 -23.21 49.97 42.38
C ARG C 74 -23.49 49.80 40.89
N GLY C 75 -23.01 50.76 40.10
CA GLY C 75 -23.19 50.72 38.66
C GLY C 75 -22.15 51.54 37.92
#